data_8QNZ
#
_entry.id   8QNZ
#
_cell.length_a   81.310
_cell.length_b   105.965
_cell.length_c   124.679
_cell.angle_alpha   90.000
_cell.angle_beta   90.000
_cell.angle_gamma   90.000
#
_symmetry.space_group_name_H-M   'P 21 21 21'
#
loop_
_entity.id
_entity.type
_entity.pdbx_description
1 polymer Beta-lactamase
2 non-polymer '(2R)-2-[(2S,3R)-1,3-bis(oxidanyl)-1-oxidanylidene-butan-2-yl]-4-(2-methanimidamidoethylsulfanyl)-2,3-dihydro-1H-pyrrole -5-carboxylic acid'
3 non-polymer 'BROMIDE ION'
4 non-polymer 1-BUTANOL
5 water water
#
_entity_poly.entity_id   1
_entity_poly.type   'polypeptide(L)'
_entity_poly.pdbx_seq_one_letter_code
;MHHHHHHSAGENLYFQGKEWQENKSWNAHFTEHKSQGVVVLWNENKQQGFTNNLKRANQAFLPASTF(KCX)IPNSLIAL
DLGVVKDEHQVFKWDGQTRDIATWNRDHNLITAMKYSVVPVYQEFARQIGEARMSKMLHAFDYGNEDISGNVDSFWLDGG
IRISATEQISFLRKLYHNKLHVSERSQRIVKQAMLTEANGDYIIRAKTGYSTRIEPKIGWWVGWVELDDNVWFFAMNMDM
PTSDGLGLRQAITKEVLKQEKIIP
;
_entity_poly.pdbx_strand_id   AAA,BBB,CCC,DDD
#
loop_
_chem_comp.id
_chem_comp.type
_chem_comp.name
_chem_comp.formula
1BO non-polymer 1-BUTANOL 'C4 H10 O'
8YF non-polymer '(2R)-2-[(2S,3R)-1,3-bis(oxidanyl)-1-oxidanylidene-butan-2-yl]-4-(2-methanimidamidoethylsulfanyl)-2,3-dihydro-1H-pyrrole -5-carboxylic acid' 'C12 H19 N3 O5 S'
BR non-polymer 'BROMIDE ION' 'Br -1'
#
# COMPACT_ATOMS: atom_id res chain seq x y z
N LYS A 18 30.45 -21.36 20.64
CA LYS A 18 29.94 -21.28 19.24
C LYS A 18 29.19 -19.96 19.08
N GLU A 19 29.43 -19.26 17.98
CA GLU A 19 28.84 -17.92 17.73
C GLU A 19 27.32 -18.05 17.58
N TRP A 20 26.86 -19.03 16.79
CA TRP A 20 25.41 -19.20 16.49
C TRP A 20 24.96 -20.62 16.82
N GLN A 21 23.79 -20.72 17.41
CA GLN A 21 23.18 -22.02 17.78
C GLN A 21 21.72 -21.99 17.39
N GLU A 22 21.23 -23.11 16.87
CA GLU A 22 19.84 -23.25 16.45
C GLU A 22 19.10 -23.99 17.57
N ASN A 23 18.03 -23.40 18.08
CA ASN A 23 17.16 -24.00 19.12
C ASN A 23 15.77 -24.19 18.51
N LYS A 24 15.50 -25.38 17.96
CA LYS A 24 14.24 -25.62 17.23
C LYS A 24 13.07 -25.72 18.21
N SER A 25 13.31 -25.79 19.53
CA SER A 25 12.21 -25.91 20.54
C SER A 25 11.33 -24.65 20.48
N TRP A 26 11.90 -23.49 20.08
CA TRP A 26 11.11 -22.24 19.95
C TRP A 26 10.03 -22.39 18.87
N ASN A 27 10.18 -23.32 17.91
CA ASN A 27 9.16 -23.54 16.86
C ASN A 27 7.82 -23.84 17.53
N ALA A 28 7.83 -24.41 18.74
CA ALA A 28 6.60 -24.71 19.50
C ALA A 28 5.75 -23.44 19.65
N HIS A 29 6.39 -22.28 19.85
CA HIS A 29 5.70 -20.98 20.07
C HIS A 29 5.04 -20.53 18.75
N PHE A 30 5.72 -20.68 17.63
CA PHE A 30 5.16 -20.35 16.30
C PHE A 30 3.97 -21.28 16.02
N THR A 31 4.17 -22.60 16.17
CA THR A 31 3.14 -23.63 15.94
C THR A 31 1.91 -23.37 16.83
N GLU A 32 2.10 -23.10 18.13
CA GLU A 32 0.93 -22.87 19.03
C GLU A 32 0.08 -21.72 18.47
N HIS A 33 0.69 -20.73 17.82
CA HIS A 33 -0.06 -19.56 17.25
C HIS A 33 -0.34 -19.72 15.76
N LYS A 34 -0.26 -20.95 15.23
CA LYS A 34 -0.57 -21.27 13.81
C LYS A 34 0.23 -20.34 12.91
N SER A 35 1.49 -20.14 13.26
CA SER A 35 2.34 -19.09 12.64
C SER A 35 3.66 -19.70 12.17
N GLN A 36 4.40 -18.95 11.37
CA GLN A 36 5.72 -19.32 10.80
C GLN A 36 6.63 -18.11 10.92
N GLY A 37 7.82 -18.27 11.45
CA GLY A 37 8.76 -17.15 11.48
C GLY A 37 10.03 -17.48 12.23
N VAL A 38 10.76 -16.44 12.59
CA VAL A 38 12.08 -16.58 13.24
C VAL A 38 12.17 -15.59 14.39
N VAL A 39 12.81 -16.04 15.45
CA VAL A 39 13.29 -15.16 16.54
C VAL A 39 14.80 -15.33 16.58
N VAL A 40 15.51 -14.20 16.55
CA VAL A 40 16.98 -14.18 16.70
C VAL A 40 17.30 -13.43 18.00
N LEU A 41 18.10 -14.04 18.87
CA LEU A 41 18.60 -13.46 20.14
C LEU A 41 20.11 -13.36 20.07
N TRP A 42 20.65 -12.27 20.62
CA TRP A 42 22.11 -12.14 20.82
C TRP A 42 22.38 -11.79 22.30
N ASN A 43 23.13 -12.65 22.98
CA ASN A 43 23.63 -12.39 24.35
C ASN A 43 24.88 -11.52 24.23
N GLU A 44 24.80 -10.25 24.62
CA GLU A 44 25.93 -9.30 24.40
C GLU A 44 27.12 -9.74 25.26
N ASN A 45 26.87 -10.17 26.50
CA ASN A 45 27.98 -10.50 27.45
C ASN A 45 28.78 -11.67 26.89
N LYS A 46 28.10 -12.66 26.32
CA LYS A 46 28.73 -13.92 25.86
C LYS A 46 29.10 -13.83 24.38
N GLN A 47 28.66 -12.79 23.67
CA GLN A 47 28.85 -12.64 22.20
C GLN A 47 28.40 -13.94 21.53
N GLN A 48 27.20 -14.38 21.84
CA GLN A 48 26.60 -15.62 21.29
C GLN A 48 25.17 -15.34 20.87
N GLY A 49 24.78 -15.95 19.76
CA GLY A 49 23.46 -15.84 19.13
C GLY A 49 22.72 -17.17 19.16
N PHE A 50 21.39 -17.08 19.19
CA PHE A 50 20.42 -18.19 19.29
C PHE A 50 19.29 -17.87 18.33
N THR A 51 18.81 -18.86 17.58
CA THR A 51 17.63 -18.71 16.71
C THR A 51 16.95 -20.05 16.55
N ASN A 52 15.66 -20.02 16.24
CA ASN A 52 14.88 -21.24 15.97
C ASN A 52 15.16 -21.72 14.54
N ASN A 53 15.69 -20.88 13.67
CA ASN A 53 15.76 -21.15 12.21
C ASN A 53 16.89 -20.31 11.58
N LEU A 54 18.12 -20.86 11.48
CA LEU A 54 19.27 -20.13 10.91
C LEU A 54 18.93 -19.69 9.49
N LYS A 55 18.22 -20.52 8.75
CA LYS A 55 17.87 -20.19 7.34
C LYS A 55 17.06 -18.88 7.31
N ARG A 56 15.96 -18.85 8.04
CA ARG A 56 15.05 -17.66 8.00
C ARG A 56 15.73 -16.47 8.69
N ALA A 57 16.63 -16.72 9.65
CA ALA A 57 17.37 -15.68 10.38
C ALA A 57 18.21 -14.87 9.38
N ASN A 58 18.55 -15.47 8.26
CA ASN A 58 19.40 -14.82 7.22
C ASN A 58 18.65 -14.45 5.94
N GLN A 59 17.33 -14.62 5.88
CA GLN A 59 16.50 -14.15 4.74
C GLN A 59 16.24 -12.66 4.91
N ALA A 60 16.48 -11.92 3.85
CA ALA A 60 16.37 -10.45 3.83
C ALA A 60 14.99 -10.05 3.33
N PHE A 61 14.36 -9.12 4.04
CA PHE A 61 13.00 -8.60 3.74
C PHE A 61 13.02 -7.06 3.75
N LEU A 62 12.04 -6.43 3.13
CA LEU A 62 11.78 -5.00 3.35
C LEU A 62 11.72 -4.72 4.85
N PRO A 63 12.38 -3.66 5.33
CA PRO A 63 12.38 -3.30 6.74
C PRO A 63 11.02 -2.72 7.19
N ALA A 64 10.30 -2.12 6.26
CA ALA A 64 9.07 -1.34 6.55
C ALA A 64 9.35 -0.44 7.75
N SER A 65 8.48 -0.39 8.76
CA SER A 65 8.62 0.62 9.86
C SER A 65 9.86 0.38 10.72
N THR A 66 10.56 -0.77 10.63
CA THR A 66 11.84 -0.91 11.38
C THR A 66 12.83 0.12 10.81
N PHE A 67 12.61 0.60 9.59
CA PHE A 67 13.48 1.61 8.96
C PHE A 67 13.36 2.94 9.70
N KCX A 68 12.33 3.11 10.55
CA KCX A 68 12.22 4.35 11.32
CB KCX A 68 10.85 4.39 12.01
CG KCX A 68 9.72 4.66 11.03
CD KCX A 68 8.36 4.81 11.63
CE KCX A 68 7.28 5.13 10.61
NZ KCX A 68 6.99 4.03 9.69
C KCX A 68 13.40 4.53 12.29
O KCX A 68 13.75 5.66 12.62
CX KCX A 68 7.55 3.91 8.48
OQ1 KCX A 68 7.41 2.92 7.79
OQ2 KCX A 68 8.29 4.93 8.06
H KCX A 68 11.63 2.40 10.64
HA KCX A 68 12.25 5.10 10.67
HB2 KCX A 68 10.85 5.10 12.70
HB3 KCX A 68 10.69 3.54 12.46
HG2 KCX A 68 9.70 3.93 10.38
HG3 KCX A 68 9.93 5.48 10.53
HD2 KCX A 68 8.38 5.52 12.31
HD3 KCX A 68 8.12 3.98 12.09
HE2 KCX A 68 7.56 5.92 10.10
HE3 KCX A 68 6.45 5.37 11.09
HZ KCX A 68 6.42 3.42 9.94
HQ2 KCX A 68 8.25 5.60 8.64
N ILE A 69 14.10 3.45 12.63
CA ILE A 69 15.29 3.60 13.46
C ILE A 69 16.37 4.33 12.67
N PRO A 70 16.95 3.82 11.55
CA PRO A 70 17.97 4.58 10.82
C PRO A 70 17.44 5.93 10.32
N ASN A 71 16.19 5.98 9.86
CA ASN A 71 15.61 7.25 9.32
C ASN A 71 15.64 8.34 10.41
N SER A 72 15.27 7.99 11.64
CA SER A 72 15.29 8.93 12.82
C SER A 72 16.73 9.43 13.04
N LEU A 73 17.69 8.49 13.03
CA LEU A 73 19.11 8.82 13.32
C LEU A 73 19.58 9.83 12.29
N ILE A 74 19.30 9.56 11.01
CA ILE A 74 19.82 10.42 9.91
C ILE A 74 19.17 11.80 10.04
N ALA A 75 17.85 11.82 10.24
CA ALA A 75 17.05 13.06 10.33
C ALA A 75 17.58 13.95 11.47
N LEU A 76 17.87 13.35 12.62
CA LEU A 76 18.43 14.08 13.78
C LEU A 76 19.85 14.56 13.47
N ASP A 77 20.70 13.70 12.93
CA ASP A 77 22.12 14.04 12.68
C ASP A 77 22.20 15.23 11.71
N LEU A 78 21.33 15.30 10.71
CA LEU A 78 21.40 16.37 9.67
C LEU A 78 20.59 17.60 10.09
N GLY A 79 19.87 17.52 11.21
CA GLY A 79 19.06 18.63 11.74
C GLY A 79 17.73 18.77 11.01
N VAL A 80 17.30 17.74 10.27
CA VAL A 80 15.95 17.71 9.65
C VAL A 80 14.95 17.68 10.81
N VAL A 81 15.30 16.95 11.86
CA VAL A 81 14.57 16.93 13.14
C VAL A 81 15.46 17.63 14.17
N LYS A 82 14.95 18.71 14.74
CA LYS A 82 15.71 19.55 15.71
C LYS A 82 15.87 18.77 17.03
N ASP A 83 14.76 18.22 17.52
CA ASP A 83 14.74 17.45 18.79
C ASP A 83 13.45 16.64 18.82
N GLU A 84 13.25 15.88 19.89
CA GLU A 84 12.13 14.93 20.04
C GLU A 84 10.82 15.65 20.39
N HIS A 85 10.84 16.97 20.57
CA HIS A 85 9.64 17.78 20.87
C HIS A 85 9.10 18.46 19.60
N GLN A 86 9.91 18.57 18.56
CA GLN A 86 9.51 19.32 17.34
C GLN A 86 8.21 18.70 16.83
N VAL A 87 7.21 19.52 16.51
CA VAL A 87 5.88 19.03 16.10
C VAL A 87 5.83 18.95 14.56
N PHE A 88 5.40 17.79 14.06
CA PHE A 88 5.14 17.51 12.63
C PHE A 88 3.62 17.44 12.45
N LYS A 89 3.08 18.46 11.80
CA LYS A 89 1.61 18.71 11.72
C LYS A 89 1.01 17.69 10.76
N TRP A 90 -0.11 17.08 11.15
CA TRP A 90 -0.96 16.25 10.26
C TRP A 90 -1.27 17.05 8.98
N ASP A 91 -1.05 16.44 7.82
CA ASP A 91 -1.23 17.04 6.45
C ASP A 91 -2.72 17.12 6.04
N GLY A 92 -3.63 16.59 6.86
CA GLY A 92 -5.09 16.67 6.65
C GLY A 92 -5.66 15.59 5.75
N GLN A 93 -4.82 14.69 5.19
CA GLN A 93 -5.30 13.48 4.46
C GLN A 93 -5.67 12.43 5.51
N THR A 94 -6.95 12.08 5.63
CA THR A 94 -7.42 11.02 6.58
C THR A 94 -6.87 9.68 6.10
N ARG A 95 -6.11 8.99 6.95
CA ARG A 95 -5.54 7.65 6.63
C ARG A 95 -6.17 6.59 7.55
N ASP A 96 -5.83 5.33 7.25
CA ASP A 96 -6.36 4.05 7.80
C ASP A 96 -6.19 3.97 9.31
N ILE A 97 -5.04 4.39 9.82
CA ILE A 97 -4.66 4.27 11.25
C ILE A 97 -5.04 5.61 11.90
N ALA A 98 -6.07 5.60 12.75
CA ALA A 98 -6.64 6.82 13.41
C ALA A 98 -5.51 7.61 14.05
N THR A 99 -4.55 6.95 14.71
CA THR A 99 -3.50 7.66 15.49
C THR A 99 -2.59 8.44 14.54
N TRP A 100 -2.59 8.15 13.23
CA TRP A 100 -1.79 8.93 12.25
C TRP A 100 -2.45 10.27 11.97
N ASN A 101 -3.76 10.40 12.22
CA ASN A 101 -4.52 11.61 11.81
C ASN A 101 -4.48 12.64 12.95
N ARG A 102 -3.28 13.05 13.33
CA ARG A 102 -3.03 14.03 14.42
C ARG A 102 -1.57 14.50 14.29
N ASP A 103 -1.22 15.54 15.06
CA ASP A 103 0.16 16.05 15.10
C ASP A 103 0.99 15.03 15.84
N HIS A 104 2.27 15.00 15.52
CA HIS A 104 3.22 14.07 16.14
C HIS A 104 4.54 14.77 16.40
N ASN A 105 5.26 14.27 17.40
CA ASN A 105 6.71 14.54 17.53
C ASN A 105 7.45 13.22 17.24
N LEU A 106 8.77 13.23 17.35
CA LEU A 106 9.54 12.00 17.06
C LEU A 106 9.06 10.87 17.95
N ILE A 107 8.79 11.15 19.22
CA ILE A 107 8.41 10.05 20.17
C ILE A 107 7.11 9.39 19.69
N THR A 108 6.07 10.17 19.42
CA THR A 108 4.74 9.61 19.11
C THR A 108 4.76 9.05 17.68
N ALA A 109 5.48 9.68 16.77
CA ALA A 109 5.61 9.20 15.36
C ALA A 109 6.23 7.79 15.34
N MET A 110 7.22 7.53 16.18
N MET A 110 7.27 7.56 16.15
CA MET A 110 7.85 6.19 16.22
CA MET A 110 7.90 6.23 16.32
C MET A 110 6.89 5.22 16.92
C MET A 110 6.85 5.27 16.89
N LYS A 111 6.25 5.65 18.02
CA LYS A 111 5.33 4.76 18.79
C LYS A 111 4.20 4.26 17.88
N TYR A 112 3.60 5.13 17.09
CA TYR A 112 2.41 4.79 16.26
C TYR A 112 2.83 4.47 14.83
N SER A 113 4.15 4.39 14.54
CA SER A 113 4.65 4.06 13.17
C SER A 113 4.01 5.00 12.14
N VAL A 114 4.14 6.31 12.34
CA VAL A 114 3.42 7.30 11.51
C VAL A 114 4.23 7.54 10.23
N VAL A 115 3.98 6.71 9.21
CA VAL A 115 4.70 6.72 7.92
C VAL A 115 4.79 8.13 7.34
N PRO A 116 3.68 8.90 7.20
CA PRO A 116 3.74 10.15 6.46
C PRO A 116 4.77 11.11 7.07
N VAL A 117 4.91 11.09 8.39
CA VAL A 117 5.94 11.94 9.05
C VAL A 117 7.33 11.54 8.54
N TYR A 118 7.63 10.24 8.52
CA TYR A 118 8.96 9.72 8.10
C TYR A 118 9.17 9.88 6.59
N GLN A 119 8.08 9.90 5.80
CA GLN A 119 8.22 10.16 4.35
C GLN A 119 8.73 11.59 4.17
N GLU A 120 8.22 12.52 4.96
CA GLU A 120 8.68 13.93 4.89
C GLU A 120 10.15 13.98 5.32
N PHE A 121 10.53 13.28 6.39
CA PHE A 121 11.96 13.24 6.81
C PHE A 121 12.82 12.79 5.62
N ALA A 122 12.43 11.70 4.97
CA ALA A 122 13.22 11.08 3.87
C ALA A 122 13.36 12.09 2.72
N ARG A 123 12.30 12.82 2.37
CA ARG A 123 12.38 13.82 1.28
C ARG A 123 13.40 14.92 1.63
N GLN A 124 13.41 15.39 2.86
CA GLN A 124 14.35 16.46 3.30
C GLN A 124 15.79 15.92 3.35
N ILE A 125 15.95 14.67 3.76
CA ILE A 125 17.27 13.98 3.80
C ILE A 125 17.80 13.91 2.37
N GLY A 126 16.98 13.40 1.46
CA GLY A 126 17.32 13.28 0.03
C GLY A 126 18.12 12.04 -0.25
N GLU A 127 18.14 11.59 -1.51
N GLU A 127 18.06 11.59 -1.50
CA GLU A 127 18.67 10.25 -1.86
CA GLU A 127 18.67 10.32 -1.98
C GLU A 127 20.19 10.18 -1.63
C GLU A 127 20.14 10.23 -1.57
N ALA A 128 20.96 11.23 -1.91
CA ALA A 128 22.44 11.14 -1.81
C ALA A 128 22.84 10.90 -0.34
N ARG A 129 22.33 11.72 0.57
CA ARG A 129 22.71 11.63 2.00
C ARG A 129 22.11 10.34 2.58
N MET A 130 20.93 9.94 2.16
CA MET A 130 20.28 8.72 2.69
C MET A 130 21.17 7.52 2.32
N SER A 131 21.60 7.44 1.06
CA SER A 131 22.42 6.33 0.52
C SER A 131 23.75 6.25 1.27
N LYS A 132 24.44 7.38 1.41
CA LYS A 132 25.78 7.46 2.05
C LYS A 132 25.65 7.07 3.53
N MET A 133 24.59 7.52 4.21
CA MET A 133 24.40 7.18 5.64
C MET A 133 24.16 5.66 5.79
N LEU A 134 23.37 5.06 4.93
CA LEU A 134 23.07 3.61 5.07
C LEU A 134 24.35 2.80 4.76
N HIS A 135 25.21 3.28 3.86
CA HIS A 135 26.55 2.68 3.59
C HIS A 135 27.39 2.78 4.87
N ALA A 136 27.45 3.94 5.52
CA ALA A 136 28.25 4.10 6.76
C ALA A 136 27.70 3.18 7.86
N PHE A 137 26.38 2.96 7.88
CA PHE A 137 25.73 2.12 8.90
C PHE A 137 25.89 0.62 8.60
N ASP A 138 26.37 0.27 7.41
CA ASP A 138 26.37 -1.13 6.90
C ASP A 138 24.94 -1.71 7.06
N TYR A 139 23.93 -0.91 6.72
CA TYR A 139 22.51 -1.26 6.99
C TYR A 139 21.93 -2.13 5.86
N GLY A 140 21.62 -3.40 6.17
CA GLY A 140 21.08 -4.36 5.20
C GLY A 140 21.87 -4.31 3.90
N ASN A 141 21.18 -4.28 2.75
CA ASN A 141 21.85 -4.31 1.42
C ASN A 141 22.22 -2.89 0.99
N GLU A 142 21.97 -1.87 1.83
CA GLU A 142 22.39 -0.46 1.58
C GLU A 142 21.76 0.07 0.29
N ASP A 143 20.72 -0.58 -0.22
CA ASP A 143 20.15 -0.26 -1.54
C ASP A 143 18.88 0.58 -1.35
N ILE A 144 18.87 1.83 -1.78
CA ILE A 144 17.69 2.72 -1.58
C ILE A 144 16.93 2.89 -2.90
N SER A 145 17.16 2.02 -3.88
CA SER A 145 16.49 2.16 -5.20
C SER A 145 14.98 2.30 -4.99
N GLY A 146 14.35 3.14 -5.81
CA GLY A 146 12.92 3.45 -5.75
C GLY A 146 12.73 4.89 -5.34
N ASN A 147 11.62 5.20 -4.71
CA ASN A 147 11.31 6.60 -4.30
C ASN A 147 12.00 6.86 -2.96
N VAL A 148 12.65 8.01 -2.84
CA VAL A 148 13.35 8.31 -1.57
C VAL A 148 12.36 8.26 -0.41
N ASP A 149 11.07 8.53 -0.64
CA ASP A 149 10.07 8.57 0.45
C ASP A 149 9.33 7.25 0.64
N SER A 150 9.66 6.18 -0.10
N SER A 150 9.67 6.18 -0.09
CA SER A 150 8.92 4.89 0.02
CA SER A 150 8.92 4.90 0.03
C SER A 150 9.80 3.65 -0.22
C SER A 150 9.81 3.65 -0.07
N PHE A 151 11.12 3.79 -0.26
CA PHE A 151 12.01 2.65 -0.67
C PHE A 151 11.98 1.54 0.39
N TRP A 152 11.73 1.86 1.65
CA TRP A 152 11.67 0.87 2.76
C TRP A 152 10.32 0.16 2.74
N LEU A 153 9.40 0.57 1.88
CA LEU A 153 8.04 -0.03 1.77
C LEU A 153 7.95 -0.84 0.47
N ASP A 154 8.52 -0.33 -0.62
CA ASP A 154 8.41 -1.01 -1.94
C ASP A 154 9.60 -0.74 -2.85
N GLY A 155 10.76 -0.35 -2.30
CA GLY A 155 11.98 -0.09 -3.06
C GLY A 155 12.96 -1.24 -2.89
N GLY A 156 14.24 -0.95 -3.02
CA GLY A 156 15.33 -1.97 -3.13
C GLY A 156 15.89 -2.43 -1.80
N ILE A 157 15.62 -1.74 -0.70
CA ILE A 157 16.28 -2.03 0.59
C ILE A 157 15.77 -3.37 1.16
N ARG A 158 16.71 -4.20 1.63
CA ARG A 158 16.42 -5.52 2.24
C ARG A 158 17.35 -5.68 3.43
N ILE A 159 16.82 -6.27 4.50
CA ILE A 159 17.60 -6.55 5.73
C ILE A 159 17.08 -7.83 6.37
N SER A 160 17.98 -8.68 6.88
CA SER A 160 17.62 -9.92 7.58
C SER A 160 17.56 -9.65 9.09
N ALA A 161 16.98 -10.58 9.83
CA ALA A 161 16.96 -10.50 11.29
C ALA A 161 18.41 -10.45 11.81
N THR A 162 19.32 -11.27 11.27
CA THR A 162 20.72 -11.28 11.71
C THR A 162 21.35 -9.88 11.47
N GLU A 163 21.03 -9.24 10.36
CA GLU A 163 21.59 -7.92 10.00
C GLU A 163 20.96 -6.82 10.88
N GLN A 164 19.72 -6.99 11.32
CA GLN A 164 19.08 -6.02 12.24
C GLN A 164 19.91 -6.05 13.54
N ILE A 165 20.22 -7.23 14.07
CA ILE A 165 21.06 -7.39 15.31
C ILE A 165 22.36 -6.60 15.16
N SER A 166 23.08 -6.79 14.04
N SER A 166 23.09 -6.82 14.07
CA SER A 166 24.40 -6.14 13.80
CA SER A 166 24.38 -6.14 13.82
C SER A 166 24.27 -4.62 13.88
C SER A 166 24.20 -4.63 13.97
N PHE A 167 23.23 -4.08 13.25
CA PHE A 167 22.94 -2.63 13.27
C PHE A 167 22.59 -2.17 14.69
N LEU A 168 21.70 -2.88 15.37
CA LEU A 168 21.21 -2.48 16.70
C LEU A 168 22.39 -2.47 17.69
N ARG A 169 23.31 -3.41 17.58
CA ARG A 169 24.46 -3.46 18.53
C ARG A 169 25.25 -2.16 18.38
N LYS A 170 25.44 -1.67 17.17
CA LYS A 170 26.21 -0.43 16.95
C LYS A 170 25.46 0.75 17.61
N LEU A 171 24.14 0.82 17.41
CA LEU A 171 23.32 1.91 18.01
C LEU A 171 23.45 1.83 19.54
N TYR A 172 23.30 0.64 20.12
CA TYR A 172 23.36 0.43 21.58
C TYR A 172 24.68 1.02 22.15
N HIS A 173 25.80 0.83 21.44
CA HIS A 173 27.16 1.22 21.90
C HIS A 173 27.54 2.60 21.37
N ASN A 174 26.61 3.34 20.75
CA ASN A 174 26.89 4.68 20.18
C ASN A 174 28.04 4.59 19.16
N LYS A 175 28.10 3.50 18.41
CA LYS A 175 29.24 3.27 17.48
C LYS A 175 28.85 3.67 16.06
N LEU A 176 27.62 4.15 15.81
CA LEU A 176 27.29 4.63 14.45
C LEU A 176 27.97 5.99 14.22
N HIS A 177 28.23 6.35 12.97
CA HIS A 177 29.10 7.52 12.66
C HIS A 177 28.38 8.84 13.00
N VAL A 178 27.07 8.80 13.23
CA VAL A 178 26.27 10.02 13.56
C VAL A 178 26.56 10.45 15.01
N SER A 179 26.05 11.61 15.43
CA SER A 179 26.35 12.21 16.76
C SER A 179 25.89 11.26 17.88
N GLU A 180 26.57 11.29 19.02
CA GLU A 180 26.09 10.55 20.21
C GLU A 180 24.67 11.03 20.50
N ARG A 181 24.42 12.34 20.39
CA ARG A 181 23.09 12.92 20.73
C ARG A 181 22.01 12.25 19.89
N SER A 182 22.25 12.13 18.58
N SER A 182 22.24 12.10 18.58
CA SER A 182 21.30 11.49 17.63
CA SER A 182 21.22 11.48 17.67
C SER A 182 20.99 10.08 18.15
C SER A 182 20.97 10.04 18.11
N GLN A 183 22.03 9.33 18.53
CA GLN A 183 21.86 7.93 18.98
C GLN A 183 21.06 7.93 20.27
N ARG A 184 21.38 8.80 21.22
CA ARG A 184 20.66 8.85 22.51
C ARG A 184 19.18 9.15 22.27
N ILE A 185 18.87 10.11 21.39
CA ILE A 185 17.44 10.52 21.19
C ILE A 185 16.69 9.37 20.53
N VAL A 186 17.29 8.68 19.55
CA VAL A 186 16.57 7.56 18.91
C VAL A 186 16.34 6.45 19.94
N LYS A 187 17.31 6.17 20.83
CA LYS A 187 17.11 5.07 21.80
C LYS A 187 15.99 5.46 22.77
N GLN A 188 15.88 6.74 23.09
CA GLN A 188 14.73 7.28 23.87
C GLN A 188 13.44 7.00 23.12
N ALA A 189 13.38 7.35 21.84
CA ALA A 189 12.19 7.15 20.98
C ALA A 189 11.85 5.66 20.86
N MET A 190 12.84 4.76 20.95
CA MET A 190 12.56 3.31 20.82
C MET A 190 11.94 2.74 22.12
N LEU A 191 11.96 3.47 23.22
CA LEU A 191 11.42 2.92 24.50
C LEU A 191 10.02 2.34 24.28
N THR A 192 9.85 1.08 24.66
CA THR A 192 8.60 0.34 24.41
C THR A 192 7.99 -0.10 25.74
N GLU A 193 8.78 -0.67 26.64
CA GLU A 193 8.26 -1.27 27.88
C GLU A 193 9.37 -1.21 28.93
N ALA A 194 9.02 -1.00 30.18
CA ALA A 194 10.02 -1.01 31.26
C ALA A 194 9.31 -1.33 32.56
N ASN A 195 10.03 -1.99 33.46
CA ASN A 195 9.55 -2.34 34.81
C ASN A 195 10.78 -2.62 35.64
N GLY A 196 10.64 -3.15 36.85
CA GLY A 196 11.78 -3.35 37.74
C GLY A 196 12.66 -4.52 37.31
N ASP A 197 12.27 -5.25 36.26
CA ASP A 197 12.96 -6.46 35.79
C ASP A 197 13.73 -6.18 34.50
N TYR A 198 13.23 -5.31 33.63
CA TYR A 198 13.86 -5.14 32.29
C TYR A 198 13.37 -3.87 31.62
N ILE A 199 14.12 -3.42 30.62
CA ILE A 199 13.72 -2.35 29.69
C ILE A 199 13.74 -2.90 28.27
N ILE A 200 12.69 -2.67 27.49
CA ILE A 200 12.68 -3.02 26.05
C ILE A 200 12.68 -1.72 25.23
N ARG A 201 13.70 -1.61 24.40
CA ARG A 201 13.75 -0.59 23.34
C ARG A 201 13.62 -1.34 22.02
N ALA A 202 12.68 -0.96 21.19
CA ALA A 202 12.34 -1.77 20.00
C ALA A 202 11.49 -0.97 19.01
N LYS A 203 11.29 -1.58 17.85
CA LYS A 203 10.48 -0.99 16.78
C LYS A 203 9.79 -2.11 16.00
N THR A 204 8.48 -1.98 15.86
CA THR A 204 7.65 -2.88 15.05
C THR A 204 7.74 -2.51 13.55
N GLY A 205 7.40 -3.46 12.71
CA GLY A 205 7.14 -3.20 11.29
C GLY A 205 6.15 -4.17 10.71
N TYR A 206 5.55 -3.77 9.60
CA TYR A 206 4.58 -4.61 8.87
C TYR A 206 4.76 -4.31 7.38
N SER A 207 5.43 -5.22 6.69
CA SER A 207 5.71 -5.12 5.24
C SER A 207 4.60 -5.82 4.46
N THR A 208 3.82 -5.06 3.65
CA THR A 208 2.64 -5.59 2.92
C THR A 208 2.77 -5.45 1.38
N ARG A 209 3.69 -4.64 0.86
CA ARG A 209 3.64 -4.21 -0.57
C ARG A 209 4.33 -5.22 -1.49
N ILE A 210 5.18 -6.08 -0.94
CA ILE A 210 5.81 -7.21 -1.70
C ILE A 210 5.71 -8.47 -0.83
N GLU A 211 5.59 -9.64 -1.46
CA GLU A 211 5.51 -10.92 -0.73
C GLU A 211 6.91 -11.34 -0.30
N PRO A 212 7.00 -12.10 0.80
CA PRO A 212 5.84 -12.42 1.62
C PRO A 212 5.52 -11.27 2.60
N LYS A 213 4.25 -11.00 2.84
CA LYS A 213 3.85 -10.05 3.90
C LYS A 213 4.42 -10.58 5.23
N ILE A 214 5.15 -9.72 5.94
CA ILE A 214 5.79 -10.09 7.22
C ILE A 214 5.56 -9.00 8.27
N GLY A 215 5.53 -9.44 9.51
CA GLY A 215 5.66 -8.58 10.69
C GLY A 215 7.07 -8.65 11.24
N TRP A 216 7.57 -7.51 11.70
CA TRP A 216 8.86 -7.41 12.38
C TRP A 216 8.68 -6.98 13.83
N TRP A 217 9.60 -7.40 14.69
CA TRP A 217 9.89 -6.68 15.95
C TRP A 217 11.38 -6.81 16.21
N VAL A 218 12.09 -5.69 16.26
CA VAL A 218 13.55 -5.71 16.50
C VAL A 218 13.90 -4.73 17.64
N GLY A 219 14.92 -5.05 18.42
CA GLY A 219 15.38 -4.16 19.48
C GLY A 219 16.20 -4.92 20.46
N TRP A 220 16.07 -4.57 21.73
CA TRP A 220 16.87 -5.27 22.76
C TRP A 220 16.20 -5.15 24.13
N VAL A 221 16.62 -6.03 25.01
CA VAL A 221 16.18 -6.10 26.42
C VAL A 221 17.38 -5.71 27.26
N GLU A 222 17.25 -4.62 28.00
CA GLU A 222 18.29 -4.20 28.96
C GLU A 222 17.97 -4.84 30.30
N LEU A 223 18.93 -5.63 30.81
CA LEU A 223 18.93 -6.16 32.18
C LEU A 223 19.93 -5.35 33.03
N ASP A 224 19.93 -5.58 34.35
CA ASP A 224 20.93 -4.94 35.24
C ASP A 224 22.34 -5.20 34.73
N ASP A 225 22.64 -6.43 34.27
CA ASP A 225 24.06 -6.83 34.04
C ASP A 225 24.24 -7.49 32.67
N ASN A 226 23.30 -7.29 31.73
CA ASN A 226 23.47 -7.81 30.36
C ASN A 226 22.52 -7.08 29.44
N VAL A 227 22.75 -7.22 28.14
CA VAL A 227 21.78 -6.79 27.11
C VAL A 227 21.54 -7.99 26.20
N TRP A 228 20.27 -8.27 25.89
CA TRP A 228 19.90 -9.27 24.88
C TRP A 228 19.27 -8.55 23.69
N PHE A 229 19.95 -8.61 22.56
CA PHE A 229 19.38 -8.09 21.30
C PHE A 229 18.41 -9.13 20.74
N PHE A 230 17.38 -8.63 20.06
CA PHE A 230 16.42 -9.51 19.36
C PHE A 230 15.99 -8.90 18.03
N ALA A 231 15.70 -9.82 17.12
CA ALA A 231 15.05 -9.51 15.85
C ALA A 231 14.20 -10.72 15.46
N MET A 232 12.93 -10.43 15.23
CA MET A 232 11.96 -11.46 14.86
C MET A 232 11.22 -10.97 13.61
N ASN A 233 10.93 -11.90 12.73
CA ASN A 233 9.91 -11.64 11.71
C ASN A 233 9.05 -12.88 11.55
N MET A 234 7.85 -12.70 11.05
CA MET A 234 6.89 -13.80 10.88
C MET A 234 5.98 -13.48 9.70
N ASP A 235 5.46 -14.52 9.06
CA ASP A 235 4.48 -14.33 7.98
C ASP A 235 3.26 -13.64 8.59
N MET A 236 2.73 -12.68 7.87
CA MET A 236 1.62 -11.84 8.37
C MET A 236 0.64 -11.63 7.22
N PRO A 237 -0.10 -12.69 6.82
CA PRO A 237 -0.98 -12.61 5.66
C PRO A 237 -2.10 -11.59 5.85
N THR A 238 -2.56 -11.38 7.09
CA THR A 238 -3.52 -10.31 7.47
C THR A 238 -3.00 -9.57 8.72
N SER A 239 -3.58 -8.42 9.03
CA SER A 239 -3.25 -7.60 10.24
C SER A 239 -3.74 -8.28 11.53
N ASP A 240 -4.59 -9.32 11.44
CA ASP A 240 -5.17 -10.03 12.61
C ASP A 240 -4.06 -10.55 13.53
N GLY A 241 -2.89 -10.88 12.96
CA GLY A 241 -1.83 -11.52 13.75
C GLY A 241 -0.78 -10.55 14.31
N LEU A 242 -0.98 -9.24 14.20
CA LEU A 242 0.14 -8.29 14.49
C LEU A 242 0.60 -8.44 15.95
N GLY A 243 -0.27 -8.70 16.93
CA GLY A 243 0.13 -8.85 18.34
C GLY A 243 1.04 -10.05 18.56
N LEU A 244 1.09 -10.99 17.60
CA LEU A 244 1.94 -12.20 17.73
C LEU A 244 3.42 -11.81 17.64
N ARG A 245 3.73 -10.65 17.08
CA ARG A 245 5.16 -10.22 16.96
C ARG A 245 5.75 -10.11 18.36
N GLN A 246 5.06 -9.41 19.25
CA GLN A 246 5.52 -9.24 20.64
C GLN A 246 5.20 -10.52 21.41
N ALA A 247 4.07 -11.19 21.17
CA ALA A 247 3.68 -12.34 22.03
C ALA A 247 4.69 -13.48 21.85
N ILE A 248 5.04 -13.81 20.62
CA ILE A 248 5.96 -14.95 20.34
C ILE A 248 7.35 -14.58 20.86
N THR A 249 7.79 -13.34 20.64
CA THR A 249 9.10 -12.92 21.15
C THR A 249 9.15 -13.08 22.68
N LYS A 250 8.09 -12.67 23.38
CA LYS A 250 8.05 -12.75 24.86
C LYS A 250 8.02 -14.22 25.30
N GLU A 251 7.37 -15.08 24.55
CA GLU A 251 7.39 -16.53 24.86
C GLU A 251 8.83 -17.06 24.82
N VAL A 252 9.60 -16.66 23.82
CA VAL A 252 11.03 -17.08 23.68
C VAL A 252 11.85 -16.47 24.84
N LEU A 253 11.71 -15.18 25.09
CA LEU A 253 12.49 -14.49 26.17
C LEU A 253 12.23 -15.18 27.51
N LYS A 254 10.97 -15.56 27.77
CA LYS A 254 10.57 -16.20 29.05
C LYS A 254 11.13 -17.63 29.11
N GLN A 255 11.00 -18.40 28.02
CA GLN A 255 11.58 -19.77 27.93
C GLN A 255 13.07 -19.72 28.30
N GLU A 256 13.79 -18.74 27.75
CA GLU A 256 15.25 -18.60 27.96
C GLU A 256 15.57 -17.88 29.29
N LYS A 257 14.59 -17.56 30.13
CA LYS A 257 14.77 -16.96 31.47
C LYS A 257 15.38 -15.56 31.38
N ILE A 258 15.21 -14.87 30.25
CA ILE A 258 15.78 -13.51 30.06
C ILE A 258 14.90 -12.52 30.81
N ILE A 259 13.58 -12.71 30.72
CA ILE A 259 12.60 -11.93 31.51
C ILE A 259 11.70 -12.92 32.23
N PRO A 260 11.09 -12.51 33.38
CA PRO A 260 10.03 -13.32 33.99
C PRO A 260 8.80 -13.31 33.07
N LYS B 18 -33.42 18.70 -19.40
CA LYS B 18 -32.63 18.87 -18.14
C LYS B 18 -31.36 18.02 -18.26
N GLU B 19 -30.18 18.64 -18.16
CA GLU B 19 -28.87 18.00 -18.46
C GLU B 19 -28.56 16.88 -17.43
N TRP B 20 -28.91 17.10 -16.16
CA TRP B 20 -28.58 16.17 -15.05
C TRP B 20 -29.84 15.88 -14.24
N GLN B 21 -30.11 14.60 -14.00
CA GLN B 21 -31.29 14.20 -13.21
C GLN B 21 -30.83 13.20 -12.16
N GLU B 22 -31.38 13.36 -10.97
CA GLU B 22 -31.11 12.46 -9.84
C GLU B 22 -32.21 11.42 -9.78
N ASN B 23 -31.85 10.15 -9.69
CA ASN B 23 -32.79 9.01 -9.58
C ASN B 23 -32.40 8.22 -8.35
N LYS B 24 -32.99 8.52 -7.19
CA LYS B 24 -32.60 7.87 -5.92
C LYS B 24 -33.06 6.40 -5.87
N SER B 25 -33.94 5.96 -6.80
CA SER B 25 -34.40 4.56 -6.83
C SER B 25 -33.20 3.63 -6.99
N TRP B 26 -32.10 4.09 -7.62
CA TRP B 26 -30.88 3.26 -7.78
C TRP B 26 -30.24 2.94 -6.43
N ASN B 27 -30.49 3.74 -5.40
CA ASN B 27 -29.94 3.47 -4.04
C ASN B 27 -30.36 2.07 -3.56
N ALA B 28 -31.50 1.54 -4.04
CA ALA B 28 -32.00 0.19 -3.65
C ALA B 28 -30.95 -0.87 -4.04
N HIS B 29 -30.20 -0.66 -5.13
CA HIS B 29 -29.17 -1.61 -5.58
C HIS B 29 -27.97 -1.58 -4.63
N PHE B 30 -27.62 -0.40 -4.09
CA PHE B 30 -26.53 -0.24 -3.09
C PHE B 30 -27.00 -0.83 -1.75
N THR B 31 -28.20 -0.47 -1.32
CA THR B 31 -28.85 -0.95 -0.08
C THR B 31 -28.90 -2.48 -0.08
N GLU B 32 -29.41 -3.07 -1.17
CA GLU B 32 -29.60 -4.54 -1.36
C GLU B 32 -28.27 -5.26 -1.05
N HIS B 33 -27.13 -4.65 -1.38
CA HIS B 33 -25.78 -5.23 -1.19
C HIS B 33 -25.09 -4.59 0.02
N LYS B 34 -25.84 -3.99 0.96
CA LYS B 34 -25.30 -3.31 2.18
C LYS B 34 -24.13 -2.42 1.79
N SER B 35 -24.28 -1.63 0.73
CA SER B 35 -23.22 -0.76 0.15
C SER B 35 -23.68 0.71 0.09
N GLN B 36 -22.75 1.62 -0.18
CA GLN B 36 -22.98 3.06 -0.42
C GLN B 36 -22.12 3.44 -1.61
N GLY B 37 -22.67 4.20 -2.55
CA GLY B 37 -21.84 4.72 -3.65
C GLY B 37 -22.65 5.48 -4.64
N VAL B 38 -22.09 5.67 -5.82
CA VAL B 38 -22.72 6.48 -6.89
C VAL B 38 -22.54 5.75 -8.21
N VAL B 39 -23.60 5.78 -9.00
CA VAL B 39 -23.53 5.45 -10.44
C VAL B 39 -23.91 6.72 -11.21
N VAL B 40 -23.09 7.07 -12.17
CA VAL B 40 -23.41 8.14 -13.14
C VAL B 40 -23.48 7.51 -14.53
N LEU B 41 -24.55 7.82 -15.25
CA LEU B 41 -24.75 7.43 -16.66
C LEU B 41 -24.84 8.69 -17.48
N TRP B 42 -24.38 8.62 -18.73
CA TRP B 42 -24.54 9.68 -19.73
C TRP B 42 -25.05 9.03 -21.03
N ASN B 43 -26.25 9.44 -21.45
CA ASN B 43 -26.84 9.12 -22.76
C ASN B 43 -26.19 10.01 -23.80
N GLU B 44 -25.35 9.44 -24.68
CA GLU B 44 -24.60 10.28 -25.64
C GLU B 44 -25.56 10.88 -26.65
N ASN B 45 -26.52 10.10 -27.15
CA ASN B 45 -27.45 10.61 -28.20
C ASN B 45 -28.22 11.80 -27.64
N LYS B 46 -28.69 11.73 -26.39
CA LYS B 46 -29.61 12.75 -25.80
C LYS B 46 -28.81 13.84 -25.08
N GLN B 47 -27.52 13.63 -24.83
CA GLN B 47 -26.66 14.57 -24.06
C GLN B 47 -27.32 14.84 -22.70
N GLN B 48 -27.72 13.77 -22.04
CA GLN B 48 -28.37 13.79 -20.71
C GLN B 48 -27.65 12.84 -19.75
N GLY B 49 -27.51 13.28 -18.50
CA GLY B 49 -26.87 12.56 -17.40
C GLY B 49 -27.88 12.15 -16.36
N PHE B 50 -27.59 11.05 -15.68
CA PHE B 50 -28.44 10.43 -14.63
C PHE B 50 -27.53 9.92 -13.53
N THR B 51 -27.91 10.14 -12.27
CA THR B 51 -27.14 9.62 -11.12
C THR B 51 -28.07 9.44 -9.92
N ASN B 52 -27.72 8.53 -9.03
CA ASN B 52 -28.45 8.35 -7.75
C ASN B 52 -28.03 9.42 -6.73
N ASN B 53 -26.94 10.13 -6.96
CA ASN B 53 -26.37 11.04 -5.93
C ASN B 53 -25.57 12.14 -6.62
N LEU B 54 -26.22 13.27 -6.91
CA LEU B 54 -25.54 14.39 -7.60
C LEU B 54 -24.32 14.85 -6.79
N LYS B 55 -24.41 14.86 -5.46
CA LYS B 55 -23.27 15.34 -4.63
C LYS B 55 -22.10 14.38 -4.85
N ARG B 56 -22.30 13.10 -4.60
CA ARG B 56 -21.17 12.15 -4.69
C ARG B 56 -20.66 12.03 -6.14
N ALA B 57 -21.53 12.20 -7.14
CA ALA B 57 -21.17 12.16 -8.57
C ALA B 57 -20.10 13.20 -8.80
N ASN B 58 -20.08 14.26 -7.99
CA ASN B 58 -19.15 15.40 -8.19
C ASN B 58 -18.08 15.47 -7.08
N GLN B 59 -17.95 14.44 -6.27
CA GLN B 59 -16.86 14.30 -5.27
C GLN B 59 -15.67 13.60 -5.92
N ALA B 60 -14.49 14.15 -5.68
CA ALA B 60 -13.27 13.66 -6.33
C ALA B 60 -12.54 12.67 -5.41
N PHE B 61 -12.04 11.60 -6.02
CA PHE B 61 -11.26 10.55 -5.32
C PHE B 61 -9.99 10.26 -6.10
N LEU B 62 -9.04 9.58 -5.45
CA LEU B 62 -7.87 9.03 -6.17
C LEU B 62 -8.39 8.15 -7.29
N PRO B 63 -7.85 8.25 -8.51
CA PRO B 63 -8.32 7.41 -9.62
C PRO B 63 -7.91 5.93 -9.51
N ALA B 64 -6.85 5.67 -8.75
CA ALA B 64 -6.21 4.35 -8.66
C ALA B 64 -6.10 3.76 -10.08
N SER B 65 -6.43 2.50 -10.32
CA SER B 65 -6.14 1.85 -11.62
C SER B 65 -7.00 2.44 -12.76
N THR B 66 -8.03 3.26 -12.52
CA THR B 66 -8.71 3.93 -13.65
C THR B 66 -7.69 4.86 -14.33
N PHE B 67 -6.61 5.22 -13.64
CA PHE B 67 -5.54 6.05 -14.25
C PHE B 67 -4.82 5.27 -15.35
N KCX B 68 -5.01 3.96 -15.43
CA KCX B 68 -4.39 3.20 -16.51
CB KCX B 68 -4.47 1.70 -16.26
CG KCX B 68 -3.56 1.24 -15.13
CD KCX B 68 -3.59 -0.24 -14.89
CE KCX B 68 -2.59 -0.63 -13.81
NZ KCX B 68 -2.96 -0.16 -12.48
C KCX B 68 -4.93 3.62 -17.88
O KCX B 68 -4.19 3.47 -18.87
CX KCX B 68 -2.47 0.98 -11.94
OQ1 KCX B 68 -1.61 1.63 -12.46
OQ2 KCX B 68 -2.99 1.33 -10.76
H KCX B 68 -5.54 3.47 -14.73
HA KCX B 68 -3.44 3.44 -16.51
HB2 KCX B 68 -4.20 1.23 -17.09
HB3 KCX B 68 -5.39 1.46 -16.06
HG2 KCX B 68 -3.86 1.70 -14.31
HG3 KCX B 68 -2.66 1.53 -15.33
HD2 KCX B 68 -3.34 -0.71 -15.73
HD3 KCX B 68 -4.48 -0.52 -14.63
HE2 KCX B 68 -1.71 -0.27 -14.03
HE3 KCX B 68 -2.51 -1.61 -13.78
HZ KCX B 68 -3.53 -0.63 -12.00
HQ2 KCX B 68 -3.58 0.75 -10.55
N ILE B 69 -6.10 4.29 -17.95
CA ILE B 69 -6.57 4.74 -19.25
C ILE B 69 -5.69 5.91 -19.71
N PRO B 70 -5.59 7.07 -19.01
CA PRO B 70 -4.72 8.15 -19.50
C PRO B 70 -3.24 7.72 -19.54
N ASN B 71 -2.80 6.96 -18.57
CA ASN B 71 -1.37 6.51 -18.57
C ASN B 71 -1.04 5.73 -19.86
N SER B 72 -1.92 4.83 -20.27
CA SER B 72 -1.77 4.03 -21.53
C SER B 72 -1.67 4.99 -22.73
N LEU B 73 -2.58 5.97 -22.80
CA LEU B 73 -2.63 6.91 -23.94
C LEU B 73 -1.29 7.63 -24.02
N ILE B 74 -0.81 8.12 -22.88
CA ILE B 74 0.41 8.95 -22.89
C ILE B 74 1.58 8.05 -23.31
N ALA B 75 1.66 6.85 -22.73
CA ALA B 75 2.77 5.89 -22.98
C ALA B 75 2.82 5.57 -24.50
N LEU B 76 1.67 5.35 -25.12
CA LEU B 76 1.58 5.08 -26.59
C LEU B 76 2.00 6.32 -27.38
N ASP B 77 1.42 7.45 -27.05
CA ASP B 77 1.69 8.68 -27.82
C ASP B 77 3.17 9.02 -27.82
N LEU B 78 3.87 8.79 -26.72
CA LEU B 78 5.29 9.13 -26.56
C LEU B 78 6.19 8.00 -27.08
N GLY B 79 5.62 6.86 -27.48
CA GLY B 79 6.40 5.69 -27.93
C GLY B 79 7.08 4.93 -26.78
N VAL B 80 6.71 5.21 -25.55
CA VAL B 80 7.16 4.38 -24.38
C VAL B 80 6.56 2.98 -24.57
N VAL B 81 5.32 2.93 -25.08
CA VAL B 81 4.71 1.66 -25.57
C VAL B 81 4.64 1.73 -27.09
N LYS B 82 5.35 0.81 -27.76
CA LYS B 82 5.40 0.73 -29.25
C LYS B 82 4.04 0.30 -29.79
N ASP B 83 3.46 -0.76 -29.23
CA ASP B 83 2.15 -1.28 -29.65
C ASP B 83 1.66 -2.19 -28.53
N GLU B 84 0.48 -2.78 -28.75
CA GLU B 84 -0.21 -3.61 -27.75
C GLU B 84 0.43 -5.00 -27.59
N HIS B 85 1.43 -5.33 -28.40
CA HIS B 85 2.16 -6.64 -28.35
C HIS B 85 3.48 -6.52 -27.59
N GLN B 86 4.01 -5.30 -27.42
CA GLN B 86 5.33 -5.11 -26.77
C GLN B 86 5.26 -5.73 -25.37
N VAL B 87 6.31 -6.47 -25.00
CA VAL B 87 6.36 -7.23 -23.73
C VAL B 87 7.06 -6.36 -22.68
N PHE B 88 6.44 -6.24 -21.52
CA PHE B 88 6.97 -5.54 -20.33
C PHE B 88 7.31 -6.60 -19.30
N LYS B 89 8.60 -6.76 -19.09
CA LYS B 89 9.14 -7.86 -18.27
C LYS B 89 8.70 -7.67 -16.82
N TRP B 90 8.27 -8.75 -16.17
CA TRP B 90 8.19 -8.84 -14.70
C TRP B 90 9.56 -8.49 -14.08
N ASP B 91 9.55 -7.67 -13.04
CA ASP B 91 10.77 -7.30 -12.28
C ASP B 91 11.19 -8.44 -11.34
N GLY B 92 10.40 -9.53 -11.22
CA GLY B 92 10.77 -10.70 -10.40
C GLY B 92 10.42 -10.55 -8.92
N GLN B 93 9.75 -9.47 -8.53
CA GLN B 93 9.24 -9.26 -7.15
C GLN B 93 7.86 -9.91 -7.09
N THR B 94 7.68 -10.93 -6.26
CA THR B 94 6.34 -11.56 -6.12
C THR B 94 5.41 -10.59 -5.39
N ARG B 95 4.29 -10.23 -6.03
CA ARG B 95 3.24 -9.38 -5.41
C ARG B 95 1.99 -10.25 -5.19
N ASP B 96 0.98 -9.70 -4.53
CA ASP B 96 -0.07 -10.58 -3.97
C ASP B 96 -1.19 -10.82 -4.96
N ILE B 97 -1.20 -10.19 -6.13
CA ILE B 97 -2.07 -10.60 -7.25
C ILE B 97 -1.21 -11.47 -8.17
N ALA B 98 -1.47 -12.77 -8.19
CA ALA B 98 -0.68 -13.81 -8.88
C ALA B 98 -0.49 -13.43 -10.36
N THR B 99 -1.53 -12.93 -11.03
CA THR B 99 -1.47 -12.58 -12.47
C THR B 99 -0.45 -11.45 -12.71
N TRP B 100 -0.05 -10.71 -11.69
CA TRP B 100 0.97 -9.64 -11.86
C TRP B 100 2.38 -10.21 -12.02
N ASN B 101 2.61 -11.45 -11.57
CA ASN B 101 3.98 -12.01 -11.42
C ASN B 101 4.43 -12.71 -12.71
N ARG B 102 4.37 -12.00 -13.82
CA ARG B 102 4.71 -12.54 -15.16
C ARG B 102 4.91 -11.38 -16.12
N ASP B 103 5.44 -11.66 -17.32
CA ASP B 103 5.53 -10.67 -18.42
C ASP B 103 4.10 -10.31 -18.89
N HIS B 104 3.93 -9.09 -19.32
CA HIS B 104 2.65 -8.53 -19.79
C HIS B 104 2.84 -7.71 -21.06
N ASN B 105 1.76 -7.59 -21.80
CA ASN B 105 1.65 -6.56 -22.86
C ASN B 105 0.58 -5.57 -22.40
N LEU B 106 0.28 -4.57 -23.22
CA LEU B 106 -0.72 -3.55 -22.81
C LEU B 106 -2.08 -4.21 -22.55
N ILE B 107 -2.47 -5.18 -23.36
CA ILE B 107 -3.82 -5.79 -23.23
C ILE B 107 -3.90 -6.48 -21.86
N THR B 108 -2.95 -7.32 -21.52
CA THR B 108 -3.01 -8.13 -20.28
C THR B 108 -2.72 -7.21 -19.08
N ALA B 109 -1.83 -6.24 -19.22
CA ALA B 109 -1.55 -5.30 -18.11
C ALA B 109 -2.81 -4.54 -17.71
N MET B 110 -3.63 -4.14 -18.68
N MET B 110 -3.59 -4.11 -18.71
CA MET B 110 -4.87 -3.41 -18.34
CA MET B 110 -4.90 -3.43 -18.46
C MET B 110 -5.89 -4.43 -17.80
C MET B 110 -5.84 -4.44 -17.81
N LYS B 111 -5.99 -5.61 -18.42
CA LYS B 111 -6.95 -6.64 -17.96
C LYS B 111 -6.76 -6.93 -16.47
N TYR B 112 -5.53 -7.14 -16.06
CA TYR B 112 -5.20 -7.62 -14.69
C TYR B 112 -4.81 -6.45 -13.77
N SER B 113 -4.91 -5.20 -14.24
N SER B 113 -4.84 -5.24 -14.31
CA SER B 113 -4.57 -3.98 -13.46
CA SER B 113 -4.57 -3.99 -13.55
C SER B 113 -3.13 -4.10 -12.92
C SER B 113 -3.16 -4.08 -12.94
N VAL B 114 -2.17 -4.37 -13.78
CA VAL B 114 -0.78 -4.68 -13.37
C VAL B 114 -0.03 -3.38 -13.07
N VAL B 115 -0.15 -2.94 -11.83
CA VAL B 115 0.41 -1.65 -11.35
C VAL B 115 1.89 -1.52 -11.73
N PRO B 116 2.76 -2.51 -11.43
CA PRO B 116 4.19 -2.31 -11.64
C PRO B 116 4.54 -1.99 -13.09
N VAL B 117 3.79 -2.53 -14.06
CA VAL B 117 4.01 -2.22 -15.49
C VAL B 117 3.78 -0.70 -15.69
N TYR B 118 2.69 -0.18 -15.16
CA TYR B 118 2.29 1.23 -15.33
C TYR B 118 3.21 2.16 -14.54
N GLN B 119 3.79 1.67 -13.44
CA GLN B 119 4.76 2.48 -12.66
C GLN B 119 5.99 2.69 -13.54
N GLU B 120 6.38 1.63 -14.27
CA GLU B 120 7.54 1.72 -15.20
C GLU B 120 7.20 2.71 -16.32
N PHE B 121 6.00 2.64 -16.90
CA PHE B 121 5.59 3.63 -17.95
C PHE B 121 5.74 5.06 -17.42
N ALA B 122 5.22 5.31 -16.22
CA ALA B 122 5.16 6.67 -15.60
C ALA B 122 6.58 7.19 -15.39
N ARG B 123 7.52 6.33 -14.94
CA ARG B 123 8.94 6.75 -14.80
C ARG B 123 9.52 7.14 -16.16
N GLN B 124 9.24 6.41 -17.23
CA GLN B 124 9.80 6.73 -18.57
C GLN B 124 9.09 8.00 -19.10
N ILE B 125 7.82 8.18 -18.78
CA ILE B 125 7.09 9.40 -19.22
C ILE B 125 7.73 10.61 -18.53
N GLY B 126 7.95 10.51 -17.22
CA GLY B 126 8.53 11.61 -16.43
C GLY B 126 7.51 12.68 -16.08
N GLU B 127 7.82 13.51 -15.07
N GLU B 127 7.84 13.48 -15.06
CA GLU B 127 6.83 14.46 -14.48
CA GLU B 127 6.93 14.49 -14.45
C GLU B 127 6.44 15.54 -15.50
C GLU B 127 6.46 15.50 -15.50
N ALA B 128 7.38 16.10 -16.24
CA ALA B 128 7.06 17.24 -17.14
C ALA B 128 6.03 16.82 -18.19
N ARG B 129 6.20 15.67 -18.81
CA ARG B 129 5.31 15.19 -19.91
C ARG B 129 4.00 14.71 -19.30
N MET B 130 4.07 14.10 -18.12
CA MET B 130 2.85 13.58 -17.48
C MET B 130 1.93 14.77 -17.17
N SER B 131 2.47 15.79 -16.53
CA SER B 131 1.75 17.02 -16.15
C SER B 131 1.15 17.69 -17.40
N LYS B 132 1.94 17.89 -18.44
CA LYS B 132 1.45 18.55 -19.69
C LYS B 132 0.26 17.75 -20.22
N MET B 133 0.40 16.43 -20.33
CA MET B 133 -0.63 15.59 -20.95
C MET B 133 -1.91 15.65 -20.11
N LEU B 134 -1.81 15.63 -18.78
CA LEU B 134 -3.05 15.60 -17.97
C LEU B 134 -3.74 16.96 -18.07
N HIS B 135 -2.99 18.06 -18.19
CA HIS B 135 -3.60 19.39 -18.39
C HIS B 135 -4.37 19.38 -19.71
N ALA B 136 -3.73 18.90 -20.78
CA ALA B 136 -4.39 18.87 -22.11
C ALA B 136 -5.61 17.95 -22.11
N PHE B 137 -5.56 16.85 -21.38
CA PHE B 137 -6.72 15.93 -21.23
C PHE B 137 -7.83 16.56 -20.37
N ASP B 138 -7.54 17.64 -19.67
CA ASP B 138 -8.44 18.24 -18.65
C ASP B 138 -8.78 17.16 -17.61
N TYR B 139 -7.79 16.36 -17.22
CA TYR B 139 -8.04 15.12 -16.43
C TYR B 139 -8.06 15.46 -14.94
N GLY B 140 -9.27 15.39 -14.35
CA GLY B 140 -9.42 15.60 -12.90
C GLY B 140 -8.81 16.91 -12.46
N ASN B 141 -8.12 16.93 -11.33
CA ASN B 141 -7.49 18.17 -10.82
C ASN B 141 -6.14 18.39 -11.52
N GLU B 142 -5.75 17.52 -12.45
CA GLU B 142 -4.50 17.66 -13.25
C GLU B 142 -3.26 17.75 -12.34
N ASP B 143 -3.36 17.30 -11.07
CA ASP B 143 -2.29 17.51 -10.06
C ASP B 143 -1.50 16.21 -9.93
N ILE B 144 -0.22 16.21 -10.30
CA ILE B 144 0.61 14.96 -10.26
C ILE B 144 1.52 14.98 -9.02
N SER B 145 1.26 15.86 -8.05
CA SER B 145 2.14 16.01 -6.86
C SER B 145 2.33 14.62 -6.21
N GLY B 146 3.53 14.36 -5.71
CA GLY B 146 3.94 13.06 -5.19
C GLY B 146 4.98 12.44 -6.09
N ASN B 147 5.06 11.12 -6.05
CA ASN B 147 6.03 10.35 -6.88
C ASN B 147 5.43 10.16 -8.27
N VAL B 148 6.21 10.41 -9.32
CA VAL B 148 5.67 10.26 -10.70
C VAL B 148 5.19 8.81 -10.91
N ASP B 149 5.72 7.84 -10.18
CA ASP B 149 5.31 6.43 -10.38
C ASP B 149 4.19 5.98 -9.43
N SER B 150 3.65 6.87 -8.59
N SER B 150 3.63 6.85 -8.58
CA SER B 150 2.70 6.44 -7.52
CA SER B 150 2.60 6.40 -7.59
C SER B 150 1.63 7.51 -7.22
C SER B 150 1.49 7.43 -7.36
N PHE B 151 1.58 8.61 -7.98
CA PHE B 151 0.70 9.76 -7.62
C PHE B 151 -0.80 9.40 -7.73
N TRP B 152 -1.16 8.48 -8.62
CA TRP B 152 -2.58 8.05 -8.81
C TRP B 152 -3.01 7.10 -7.68
N LEU B 153 -2.05 6.69 -6.84
CA LEU B 153 -2.28 5.77 -5.72
C LEU B 153 -2.23 6.55 -4.41
N ASP B 154 -1.33 7.53 -4.27
CA ASP B 154 -1.20 8.21 -2.96
C ASP B 154 -0.65 9.62 -3.13
N GLY B 155 -0.77 10.19 -4.33
CA GLY B 155 -0.30 11.55 -4.64
C GLY B 155 -1.49 12.51 -4.70
N GLY B 156 -1.36 13.63 -5.42
CA GLY B 156 -2.33 14.72 -5.35
C GLY B 156 -3.51 14.58 -6.30
N ILE B 157 -3.47 13.63 -7.23
CA ILE B 157 -4.46 13.60 -8.34
C ILE B 157 -5.79 13.12 -7.77
N ARG B 158 -6.86 13.78 -8.18
CA ARG B 158 -8.23 13.43 -7.79
C ARG B 158 -9.14 13.63 -9.01
N ILE B 159 -10.17 12.82 -9.11
CA ILE B 159 -11.16 12.92 -10.21
C ILE B 159 -12.51 12.43 -9.67
N SER B 160 -13.58 13.10 -10.09
CA SER B 160 -14.96 12.75 -9.75
C SER B 160 -15.52 11.82 -10.82
N ALA B 161 -16.62 11.16 -10.52
CA ALA B 161 -17.29 10.34 -11.55
C ALA B 161 -17.72 11.20 -12.76
N THR B 162 -18.21 12.43 -12.57
CA THR B 162 -18.64 13.25 -13.73
C THR B 162 -17.40 13.66 -14.55
N GLU B 163 -16.28 13.87 -13.88
CA GLU B 163 -15.02 14.21 -14.59
C GLU B 163 -14.54 12.98 -15.40
N GLN B 164 -14.68 11.77 -14.86
CA GLN B 164 -14.31 10.53 -15.60
C GLN B 164 -15.15 10.48 -16.89
N ILE B 165 -16.45 10.75 -16.80
CA ILE B 165 -17.34 10.74 -18.00
C ILE B 165 -16.84 11.75 -19.03
N SER B 166 -16.57 13.00 -18.63
N SER B 166 -16.58 12.99 -18.61
CA SER B 166 -16.09 14.03 -19.59
CA SER B 166 -16.08 14.05 -19.51
C SER B 166 -14.85 13.52 -20.33
C SER B 166 -14.86 13.54 -20.30
N PHE B 167 -13.90 12.95 -19.59
CA PHE B 167 -12.64 12.46 -20.20
C PHE B 167 -12.93 11.30 -21.17
N LEU B 168 -13.76 10.35 -20.74
CA LEU B 168 -14.07 9.14 -21.54
C LEU B 168 -14.79 9.51 -22.84
N ARG B 169 -15.63 10.54 -22.83
CA ARG B 169 -16.36 10.99 -24.03
C ARG B 169 -15.34 11.49 -25.04
N LYS B 170 -14.31 12.18 -24.58
CA LYS B 170 -13.26 12.70 -25.49
C LYS B 170 -12.54 11.51 -26.15
N LEU B 171 -12.15 10.52 -25.34
CA LEU B 171 -11.50 9.29 -25.85
C LEU B 171 -12.41 8.60 -26.88
N TYR B 172 -13.70 8.40 -26.53
CA TYR B 172 -14.64 7.71 -27.42
C TYR B 172 -14.62 8.36 -28.83
N HIS B 173 -14.58 9.69 -28.88
CA HIS B 173 -14.70 10.49 -30.13
C HIS B 173 -13.34 10.80 -30.75
N ASN B 174 -12.24 10.23 -30.21
CA ASN B 174 -10.87 10.47 -30.73
C ASN B 174 -10.55 11.97 -30.63
N LYS B 175 -11.10 12.65 -29.63
CA LYS B 175 -10.94 14.12 -29.52
C LYS B 175 -9.80 14.49 -28.59
N LEU B 176 -9.06 13.53 -28.03
CA LEU B 176 -7.85 13.91 -27.26
C LEU B 176 -6.76 14.27 -28.27
N HIS B 177 -5.73 14.98 -27.80
CA HIS B 177 -4.74 15.63 -28.70
C HIS B 177 -3.70 14.60 -29.14
N VAL B 178 -3.65 13.45 -28.47
CA VAL B 178 -2.74 12.34 -28.80
C VAL B 178 -3.23 11.70 -30.12
N SER B 179 -2.43 10.86 -30.74
CA SER B 179 -2.73 10.31 -32.10
C SER B 179 -4.05 9.53 -32.07
N GLU B 180 -4.78 9.49 -33.19
CA GLU B 180 -5.95 8.60 -33.37
C GLU B 180 -5.50 7.18 -33.04
N ARG B 181 -4.32 6.78 -33.49
CA ARG B 181 -3.80 5.40 -33.26
C ARG B 181 -3.73 5.11 -31.76
N SER B 182 -3.14 6.02 -30.97
N SER B 182 -3.14 6.01 -30.95
CA SER B 182 -3.02 5.89 -29.49
CA SER B 182 -3.03 5.80 -29.48
C SER B 182 -4.41 5.67 -28.89
C SER B 182 -4.44 5.63 -28.90
N GLN B 183 -5.41 6.44 -29.34
CA GLN B 183 -6.80 6.36 -28.85
C GLN B 183 -7.40 5.02 -29.25
N ARG B 184 -7.24 4.59 -30.49
CA ARG B 184 -7.81 3.31 -30.92
C ARG B 184 -7.19 2.17 -30.10
N ILE B 185 -5.88 2.20 -29.89
CA ILE B 185 -5.21 1.08 -29.16
C ILE B 185 -5.74 1.02 -27.71
N VAL B 186 -5.89 2.18 -27.05
CA VAL B 186 -6.36 2.16 -25.64
C VAL B 186 -7.78 1.64 -25.62
N LYS B 187 -8.64 2.03 -26.56
CA LYS B 187 -10.03 1.52 -26.54
C LYS B 187 -10.03 0.01 -26.76
N GLN B 188 -9.14 -0.50 -27.59
CA GLN B 188 -8.98 -1.97 -27.74
C GLN B 188 -8.61 -2.58 -26.38
N ALA B 189 -7.66 -1.99 -25.68
CA ALA B 189 -7.16 -2.47 -24.36
C ALA B 189 -8.22 -2.40 -23.28
N MET B 190 -9.17 -1.46 -23.41
CA MET B 190 -10.28 -1.31 -22.43
C MET B 190 -11.36 -2.39 -22.63
N LEU B 191 -11.33 -3.14 -23.72
CA LEU B 191 -12.42 -4.10 -24.01
C LEU B 191 -12.59 -5.04 -22.82
N THR B 192 -13.81 -5.14 -22.29
CA THR B 192 -14.09 -5.92 -21.06
C THR B 192 -15.11 -7.01 -21.37
N GLU B 193 -16.15 -6.69 -22.12
CA GLU B 193 -17.23 -7.67 -22.40
C GLU B 193 -17.82 -7.33 -23.76
N ALA B 194 -18.20 -8.34 -24.52
CA ALA B 194 -18.94 -8.13 -25.77
C ALA B 194 -19.82 -9.36 -26.00
N ASN B 195 -21.03 -9.10 -26.47
CA ASN B 195 -21.99 -10.13 -26.88
C ASN B 195 -22.92 -9.56 -27.96
N GLY B 196 -24.01 -10.28 -28.26
CA GLY B 196 -24.94 -9.88 -29.33
C GLY B 196 -25.72 -8.61 -28.99
N ASP B 197 -25.68 -8.15 -27.75
CA ASP B 197 -26.51 -7.01 -27.27
C ASP B 197 -25.65 -5.76 -27.04
N TYR B 198 -24.41 -5.90 -26.56
CA TYR B 198 -23.64 -4.71 -26.13
C TYR B 198 -22.14 -5.03 -26.11
N ILE B 199 -21.35 -3.98 -26.17
CA ILE B 199 -19.89 -3.99 -25.90
C ILE B 199 -19.59 -3.07 -24.73
N ILE B 200 -18.82 -3.55 -23.75
CA ILE B 200 -18.35 -2.71 -22.62
C ILE B 200 -16.86 -2.53 -22.78
N ARG B 201 -16.45 -1.26 -22.81
CA ARG B 201 -15.05 -0.86 -22.70
C ARG B 201 -14.93 -0.10 -21.38
N ALA B 202 -14.06 -0.55 -20.49
CA ALA B 202 -14.05 -0.03 -19.12
C ALA B 202 -12.73 -0.32 -18.41
N LYS B 203 -12.61 0.26 -17.21
CA LYS B 203 -11.45 0.01 -16.34
C LYS B 203 -11.92 0.06 -14.89
N THR B 204 -11.51 -0.93 -14.12
CA THR B 204 -11.73 -1.00 -12.67
C THR B 204 -10.65 -0.23 -11.93
N GLY B 205 -10.95 0.17 -10.70
CA GLY B 205 -9.91 0.67 -9.79
C GLY B 205 -10.30 0.37 -8.36
N TYR B 206 -9.31 0.28 -7.49
CA TYR B 206 -9.53 0.09 -6.04
C TYR B 206 -8.51 0.97 -5.33
N SER B 207 -8.98 2.08 -4.78
CA SER B 207 -8.14 3.07 -4.04
C SER B 207 -8.12 2.70 -2.54
N THR B 208 -6.97 2.33 -2.01
CA THR B 208 -6.82 1.86 -0.60
C THR B 208 -5.84 2.70 0.23
N ARG B 209 -5.02 3.56 -0.38
CA ARG B 209 -3.87 4.15 0.36
C ARG B 209 -4.28 5.38 1.16
N ILE B 210 -5.41 5.99 0.82
CA ILE B 210 -5.96 7.17 1.55
C ILE B 210 -7.46 6.94 1.67
N GLU B 211 -8.04 7.36 2.78
CA GLU B 211 -9.50 7.19 2.99
C GLU B 211 -10.25 8.19 2.13
N PRO B 212 -11.50 7.88 1.76
CA PRO B 212 -12.10 6.57 2.05
C PRO B 212 -11.69 5.54 0.98
N LYS B 213 -11.53 4.28 1.38
CA LYS B 213 -11.23 3.19 0.42
C LYS B 213 -12.46 3.06 -0.47
N ILE B 214 -12.24 3.12 -1.79
CA ILE B 214 -13.35 3.07 -2.78
C ILE B 214 -12.96 2.16 -3.93
N GLY B 215 -13.99 1.61 -4.53
CA GLY B 215 -13.92 0.88 -5.78
C GLY B 215 -14.47 1.73 -6.90
N TRP B 216 -13.82 1.68 -8.06
CA TRP B 216 -14.27 2.37 -9.28
C TRP B 216 -14.66 1.36 -10.35
N TRP B 217 -15.59 1.76 -11.21
CA TRP B 217 -15.71 1.17 -12.57
C TRP B 217 -16.11 2.29 -13.50
N VAL B 218 -15.30 2.57 -14.53
CA VAL B 218 -15.62 3.68 -15.46
C VAL B 218 -15.50 3.15 -16.90
N GLY B 219 -16.33 3.67 -17.80
CA GLY B 219 -16.26 3.23 -19.19
C GLY B 219 -17.50 3.57 -19.94
N TRP B 220 -17.85 2.72 -20.90
CA TRP B 220 -19.08 2.94 -21.67
C TRP B 220 -19.61 1.63 -22.23
N VAL B 221 -20.88 1.68 -22.55
CA VAL B 221 -21.66 0.59 -23.18
C VAL B 221 -21.96 1.04 -24.61
N GLU B 222 -21.43 0.31 -25.59
CA GLU B 222 -21.75 0.55 -27.01
C GLU B 222 -22.96 -0.32 -27.38
N LEU B 223 -24.02 0.34 -27.82
CA LEU B 223 -25.22 -0.31 -28.40
C LEU B 223 -25.16 -0.11 -29.92
N ASP B 224 -26.03 -0.78 -30.64
CA ASP B 224 -26.16 -0.59 -32.11
C ASP B 224 -26.32 0.90 -32.45
N ASP B 225 -27.14 1.68 -31.70
CA ASP B 225 -27.58 3.03 -32.10
C ASP B 225 -27.32 4.10 -31.02
N ASN B 226 -26.52 3.81 -30.00
CA ASN B 226 -26.24 4.79 -28.93
C ASN B 226 -25.02 4.31 -28.15
N VAL B 227 -24.46 5.20 -27.35
CA VAL B 227 -23.39 4.88 -26.37
C VAL B 227 -23.85 5.42 -25.02
N TRP B 228 -23.78 4.58 -23.98
CA TRP B 228 -24.01 5.02 -22.59
C TRP B 228 -22.67 5.03 -21.86
N PHE B 229 -22.21 6.22 -21.47
CA PHE B 229 -21.02 6.35 -20.62
C PHE B 229 -21.43 6.09 -19.18
N PHE B 230 -20.51 5.55 -18.39
CA PHE B 230 -20.76 5.30 -16.95
C PHE B 230 -19.47 5.53 -16.16
N ALA B 231 -19.68 5.94 -14.94
CA ALA B 231 -18.62 6.06 -13.93
C ALA B 231 -19.29 5.79 -12.60
N MET B 232 -18.80 4.80 -11.87
CA MET B 232 -19.34 4.48 -10.56
C MET B 232 -18.18 4.44 -9.57
N ASN B 233 -18.45 4.83 -8.33
CA ASN B 233 -17.54 4.46 -7.23
C ASN B 233 -18.39 4.08 -6.02
N MET B 234 -17.80 3.31 -5.14
CA MET B 234 -18.54 2.78 -3.98
C MET B 234 -17.56 2.58 -2.84
N ASP B 235 -18.07 2.63 -1.62
CA ASP B 235 -17.23 2.38 -0.44
C ASP B 235 -16.80 0.92 -0.50
N MET B 236 -15.57 0.65 -0.14
CA MET B 236 -14.96 -0.68 -0.35
C MET B 236 -13.99 -0.90 0.79
N PRO B 237 -14.51 -1.09 2.01
CA PRO B 237 -13.65 -1.20 3.19
C PRO B 237 -12.72 -2.42 3.10
N THR B 238 -13.18 -3.50 2.46
CA THR B 238 -12.37 -4.72 2.21
C THR B 238 -12.47 -5.10 0.73
N SER B 239 -11.53 -5.92 0.27
CA SER B 239 -11.51 -6.44 -1.12
C SER B 239 -12.69 -7.40 -1.33
N ASP B 240 -13.44 -7.79 -0.29
CA ASP B 240 -14.53 -8.80 -0.44
C ASP B 240 -15.63 -8.29 -1.40
N GLY B 241 -15.87 -6.99 -1.42
CA GLY B 241 -16.97 -6.39 -2.21
C GLY B 241 -16.59 -6.00 -3.65
N LEU B 242 -15.39 -6.33 -4.16
CA LEU B 242 -14.93 -5.77 -5.46
C LEU B 242 -15.88 -6.12 -6.60
N GLY B 243 -16.47 -7.30 -6.60
CA GLY B 243 -17.37 -7.73 -7.68
C GLY B 243 -18.63 -6.90 -7.76
N LEU B 244 -18.95 -6.19 -6.66
CA LEU B 244 -20.15 -5.32 -6.62
C LEU B 244 -19.95 -4.11 -7.54
N ARG B 245 -18.72 -3.78 -7.89
CA ARG B 245 -18.48 -2.62 -8.81
C ARG B 245 -19.25 -2.87 -10.10
N GLN B 246 -19.04 -4.04 -10.71
CA GLN B 246 -19.70 -4.41 -11.98
C GLN B 246 -21.13 -4.84 -11.69
N ALA B 247 -21.35 -5.58 -10.61
CA ALA B 247 -22.71 -6.13 -10.35
C ALA B 247 -23.71 -4.98 -10.18
N ILE B 248 -23.39 -3.98 -9.35
CA ILE B 248 -24.33 -2.85 -9.09
C ILE B 248 -24.51 -2.05 -10.40
N THR B 249 -23.42 -1.79 -11.15
CA THR B 249 -23.56 -1.02 -12.41
C THR B 249 -24.53 -1.77 -13.32
N LYS B 250 -24.37 -3.09 -13.43
CA LYS B 250 -25.23 -3.88 -14.35
C LYS B 250 -26.68 -3.87 -13.86
N GLU B 251 -26.90 -3.87 -12.56
CA GLU B 251 -28.29 -3.80 -12.01
C GLU B 251 -28.91 -2.45 -12.43
N VAL B 252 -28.12 -1.37 -12.44
CA VAL B 252 -28.65 -0.03 -12.84
C VAL B 252 -28.86 -0.04 -14.36
N LEU B 253 -27.90 -0.55 -15.12
CA LEU B 253 -28.05 -0.64 -16.59
C LEU B 253 -29.30 -1.46 -16.93
N LYS B 254 -29.57 -2.56 -16.23
CA LYS B 254 -30.77 -3.38 -16.50
C LYS B 254 -32.03 -2.59 -16.14
N GLN B 255 -32.05 -1.92 -14.98
CA GLN B 255 -33.25 -1.17 -14.51
C GLN B 255 -33.60 -0.11 -15.56
N GLU B 256 -32.60 0.52 -16.19
CA GLU B 256 -32.77 1.60 -17.19
C GLU B 256 -32.98 1.01 -18.59
N LYS B 257 -33.04 -0.31 -18.73
CA LYS B 257 -33.27 -1.03 -20.03
C LYS B 257 -32.15 -0.72 -21.04
N ILE B 258 -30.94 -0.44 -20.58
CA ILE B 258 -29.79 -0.17 -21.48
C ILE B 258 -29.24 -1.52 -21.97
N ILE B 259 -29.24 -2.51 -21.09
CA ILE B 259 -28.87 -3.90 -21.40
C ILE B 259 -30.05 -4.75 -20.94
N PRO B 260 -30.27 -5.89 -21.62
CA PRO B 260 -31.34 -6.81 -21.23
C PRO B 260 -30.95 -7.64 -19.99
N LYS C 18 5.23 -31.21 -37.94
CA LYS C 18 3.91 -31.72 -38.44
C LYS C 18 2.98 -30.51 -38.62
N GLU C 19 2.77 -30.08 -39.88
CA GLU C 19 2.12 -28.78 -40.22
C GLU C 19 0.63 -28.83 -39.85
N TRP C 20 -0.05 -29.94 -40.19
CA TRP C 20 -1.50 -30.18 -39.97
C TRP C 20 -1.70 -31.55 -39.31
N GLN C 21 -2.40 -31.62 -38.18
CA GLN C 21 -2.74 -32.90 -37.51
C GLN C 21 -4.24 -33.13 -37.66
N GLU C 22 -4.65 -34.35 -38.02
CA GLU C 22 -6.08 -34.68 -38.16
C GLU C 22 -6.54 -35.20 -36.79
N ASN C 23 -7.62 -34.67 -36.26
CA ASN C 23 -8.22 -35.14 -34.99
C ASN C 23 -9.67 -35.49 -35.29
N LYS C 24 -9.93 -36.76 -35.59
CA LYS C 24 -11.30 -37.17 -35.99
C LYS C 24 -12.20 -37.25 -34.76
N SER C 25 -11.67 -37.21 -33.53
CA SER C 25 -12.50 -37.20 -32.29
C SER C 25 -13.44 -35.98 -32.31
N TRP C 26 -13.06 -34.90 -32.99
CA TRP C 26 -13.90 -33.69 -33.17
C TRP C 26 -15.19 -34.00 -33.95
N ASN C 27 -15.25 -35.10 -34.69
CA ASN C 27 -16.45 -35.46 -35.50
C ASN C 27 -17.63 -35.68 -34.56
N ALA C 28 -17.37 -36.05 -33.31
CA ALA C 28 -18.42 -36.30 -32.30
C ALA C 28 -19.27 -35.03 -32.15
N HIS C 29 -18.68 -33.83 -32.35
CA HIS C 29 -19.42 -32.54 -32.21
C HIS C 29 -20.33 -32.37 -33.42
N PHE C 30 -19.91 -32.85 -34.59
CA PHE C 30 -20.72 -32.82 -35.83
C PHE C 30 -21.83 -33.85 -35.76
N THR C 31 -21.54 -35.08 -35.36
CA THR C 31 -22.56 -36.16 -35.39
C THR C 31 -23.62 -35.89 -34.32
N GLU C 32 -23.22 -35.39 -33.15
CA GLU C 32 -24.17 -35.04 -32.05
C GLU C 32 -25.17 -34.01 -32.55
N HIS C 33 -24.79 -33.18 -33.52
CA HIS C 33 -25.65 -32.13 -34.12
C HIS C 33 -26.19 -32.56 -35.51
N LYS C 34 -26.14 -33.85 -35.87
CA LYS C 34 -26.67 -34.34 -37.18
C LYS C 34 -26.11 -33.47 -38.32
N SER C 35 -24.83 -33.13 -38.24
CA SER C 35 -24.17 -32.17 -39.15
C SER C 35 -22.89 -32.77 -39.76
N GLN C 36 -22.45 -32.19 -40.87
CA GLN C 36 -21.20 -32.60 -41.55
C GLN C 36 -20.41 -31.33 -41.86
N GLY C 37 -19.12 -31.32 -41.54
CA GLY C 37 -18.28 -30.16 -41.91
C GLY C 37 -16.89 -30.29 -41.38
N VAL C 38 -16.18 -29.17 -41.35
CA VAL C 38 -14.76 -29.12 -40.92
C VAL C 38 -14.57 -27.94 -39.96
N VAL C 39 -13.79 -28.16 -38.91
CA VAL C 39 -13.16 -27.10 -38.10
C VAL C 39 -11.67 -27.19 -38.35
N VAL C 40 -11.05 -26.04 -38.59
CA VAL C 40 -9.58 -25.90 -38.70
C VAL C 40 -9.13 -24.91 -37.63
N LEU C 41 -8.18 -25.30 -36.80
CA LEU C 41 -7.53 -24.41 -35.80
C LEU C 41 -6.06 -24.24 -36.17
N TRP C 42 -5.53 -23.06 -35.91
CA TRP C 42 -4.10 -22.76 -36.01
C TRP C 42 -3.64 -22.17 -34.69
N ASN C 43 -2.69 -22.84 -34.05
CA ASN C 43 -2.05 -22.39 -32.79
C ASN C 43 -0.89 -21.47 -33.17
N GLU C 44 -1.06 -20.16 -32.98
CA GLU C 44 -0.09 -19.17 -33.51
C GLU C 44 1.28 -19.35 -32.83
N ASN C 45 1.33 -19.51 -31.51
CA ASN C 45 2.60 -19.70 -30.80
C ASN C 45 3.36 -20.92 -31.36
N LYS C 46 2.68 -22.04 -31.55
CA LYS C 46 3.34 -23.32 -31.92
C LYS C 46 3.48 -23.48 -33.45
N GLN C 47 2.83 -22.62 -34.24
CA GLN C 47 2.80 -22.69 -35.72
C GLN C 47 2.37 -24.09 -36.16
N GLN C 48 1.31 -24.59 -35.55
CA GLN C 48 0.75 -25.95 -35.80
C GLN C 48 -0.76 -25.83 -36.04
N GLY C 49 -1.27 -26.59 -37.01
CA GLY C 49 -2.69 -26.65 -37.36
C GLY C 49 -3.31 -27.97 -36.97
N PHE C 50 -4.60 -27.96 -36.76
CA PHE C 50 -5.42 -29.11 -36.34
C PHE C 50 -6.77 -29.04 -37.05
N THR C 51 -7.29 -30.19 -37.47
CA THR C 51 -8.58 -30.23 -38.19
C THR C 51 -9.16 -31.63 -38.06
N ASN C 52 -10.47 -31.73 -38.17
CA ASN C 52 -11.12 -33.06 -38.13
C ASN C 52 -11.09 -33.70 -39.52
N ASN C 53 -10.78 -32.91 -40.55
CA ASN C 53 -10.87 -33.38 -41.96
C ASN C 53 -9.87 -32.61 -42.83
N LEU C 54 -8.68 -33.17 -43.03
CA LEU C 54 -7.60 -32.49 -43.80
C LEU C 54 -8.11 -32.13 -45.19
N LYS C 55 -8.85 -33.03 -45.83
CA LYS C 55 -9.37 -32.88 -47.22
CA LYS C 55 -9.27 -32.81 -47.24
C LYS C 55 -10.33 -31.70 -47.29
N ARG C 56 -11.32 -31.71 -46.40
CA ARG C 56 -12.35 -30.65 -46.44
C ARG C 56 -11.70 -29.33 -45.97
N ALA C 57 -10.70 -29.37 -45.09
CA ALA C 57 -9.96 -28.16 -44.65
C ALA C 57 -9.44 -27.40 -45.87
N ASN C 58 -9.10 -28.11 -46.95
CA ASN C 58 -8.46 -27.52 -48.16
C ASN C 58 -9.46 -27.40 -49.30
N GLN C 59 -10.74 -27.74 -49.07
CA GLN C 59 -11.82 -27.62 -50.09
C GLN C 59 -12.21 -26.16 -50.18
N ALA C 60 -12.24 -25.61 -51.39
CA ALA C 60 -12.50 -24.18 -51.60
C ALA C 60 -13.98 -23.99 -51.92
N PHE C 61 -14.64 -23.09 -51.18
CA PHE C 61 -16.07 -22.75 -51.36
C PHE C 61 -16.24 -21.25 -51.61
N LEU C 62 -17.41 -20.84 -52.07
CA LEU C 62 -17.79 -19.40 -52.07
C LEU C 62 -17.63 -18.87 -50.65
N PRO C 63 -17.00 -17.70 -50.44
CA PRO C 63 -16.82 -17.15 -49.09
C PRO C 63 -18.11 -16.60 -48.47
N ALA C 64 -19.07 -16.24 -49.34
CA ALA C 64 -20.31 -15.55 -48.95
C ALA C 64 -19.93 -14.40 -48.00
N SER C 65 -20.63 -14.20 -46.89
CA SER C 65 -20.45 -12.98 -46.06
C SER C 65 -19.09 -12.97 -45.36
N THR C 66 -18.28 -14.05 -45.37
CA THR C 66 -16.92 -13.96 -44.82
C THR C 66 -16.12 -12.97 -45.68
N PHE C 67 -16.59 -12.70 -46.91
CA PHE C 67 -15.94 -11.76 -47.85
C PHE C 67 -16.05 -10.34 -47.30
N KCX C 68 -16.93 -10.13 -46.31
CA KCX C 68 -17.08 -8.81 -45.72
CB KCX C 68 -18.31 -8.78 -44.79
CG KCX C 68 -19.61 -8.61 -45.59
CD KCX C 68 -20.87 -8.49 -44.77
CE KCX C 68 -22.10 -8.36 -45.66
NZ KCX C 68 -22.45 -9.60 -46.35
C KCX C 68 -15.76 -8.38 -45.06
O KCX C 68 -15.50 -7.18 -44.95
CX KCX C 68 -22.08 -9.85 -47.63
OQ1 KCX C 68 -21.56 -9.04 -48.37
OQ2 KCX C 68 -22.34 -11.09 -48.00
H KCX C 68 -17.52 -10.88 -46.00
HA KCX C 68 -17.25 -8.18 -46.45
HB2 KCX C 68 -18.21 -8.04 -44.16
HB3 KCX C 68 -18.35 -9.61 -44.28
HG2 KCX C 68 -19.70 -9.37 -46.19
HG3 KCX C 68 -19.52 -7.80 -46.14
HD2 KCX C 68 -20.81 -7.70 -44.19
HD3 KCX C 68 -20.97 -9.28 -44.21
HE2 KCX C 68 -21.93 -7.65 -46.33
HE3 KCX C 68 -22.86 -8.07 -45.13
HZ KCX C 68 -22.92 -10.20 -45.93
HQ2 KCX C 68 -22.69 -11.51 -47.34
N ILE C 69 -14.92 -9.32 -44.62
CA ILE C 69 -13.63 -8.93 -44.06
C ILE C 69 -12.76 -8.26 -45.14
N PRO C 70 -12.38 -8.91 -46.27
CA PRO C 70 -11.57 -8.20 -47.27
C PRO C 70 -12.30 -6.98 -47.86
N ASN C 71 -13.62 -7.08 -48.03
CA ASN C 71 -14.39 -5.97 -48.67
C ASN C 71 -14.31 -4.74 -47.75
N SER C 72 -14.47 -4.92 -46.43
CA SER C 72 -14.33 -3.83 -45.43
C SER C 72 -12.94 -3.21 -45.55
N LEU C 73 -11.89 -4.02 -45.60
CA LEU C 73 -10.49 -3.51 -45.66
C LEU C 73 -10.33 -2.65 -46.89
N ILE C 74 -10.76 -3.16 -48.03
CA ILE C 74 -10.58 -2.43 -49.32
C ILE C 74 -11.39 -1.12 -49.24
N ALA C 75 -12.65 -1.21 -48.82
CA ALA C 75 -13.56 -0.04 -48.73
C ALA C 75 -12.91 1.07 -47.86
N LEU C 76 -12.33 0.70 -46.72
CA LEU C 76 -11.66 1.65 -45.80
C LEU C 76 -10.42 2.23 -46.49
N ASP C 77 -9.59 1.39 -47.09
CA ASP C 77 -8.27 1.88 -47.59
C ASP C 77 -8.50 2.84 -48.76
N LEU C 78 -9.52 2.60 -49.59
CA LEU C 78 -9.85 3.44 -50.75
C LEU C 78 -10.78 4.61 -50.40
N GLY C 79 -11.18 4.73 -49.13
CA GLY C 79 -11.98 5.87 -48.66
C GLY C 79 -13.45 5.76 -49.01
N VAL C 80 -13.89 4.60 -49.48
CA VAL C 80 -15.36 4.34 -49.67
C VAL C 80 -16.02 4.42 -48.29
N VAL C 81 -15.33 3.90 -47.28
CA VAL C 81 -15.73 4.03 -45.85
C VAL C 81 -14.71 4.95 -45.17
N LYS C 82 -15.16 6.08 -44.63
CA LYS C 82 -14.27 7.08 -44.01
C LYS C 82 -13.85 6.55 -42.62
N ASP C 83 -14.80 6.01 -41.85
CA ASP C 83 -14.53 5.43 -40.52
C ASP C 83 -15.71 4.55 -40.11
N GLU C 84 -15.65 4.00 -38.91
CA GLU C 84 -16.65 3.03 -38.44
C GLU C 84 -17.94 3.75 -38.00
N HIS C 85 -17.99 5.09 -38.04
CA HIS C 85 -19.20 5.86 -37.65
C HIS C 85 -20.01 6.28 -38.87
N GLN C 86 -19.37 6.34 -40.03
CA GLN C 86 -20.05 6.80 -41.28
C GLN C 86 -21.34 6.00 -41.47
N VAL C 87 -22.45 6.71 -41.71
CA VAL C 87 -23.80 6.10 -41.85
C VAL C 87 -24.07 5.79 -43.33
N PHE C 88 -24.51 4.57 -43.59
CA PHE C 88 -24.93 4.05 -44.92
C PHE C 88 -26.44 3.89 -44.88
N LYS C 89 -27.09 4.83 -45.57
CA LYS C 89 -28.55 5.03 -45.56
C LYS C 89 -29.19 3.81 -46.23
N TRP C 90 -30.16 3.18 -45.57
CA TRP C 90 -31.06 2.17 -46.18
C TRP C 90 -31.56 2.72 -47.52
N ASP C 91 -31.62 1.89 -48.56
CA ASP C 91 -32.02 2.30 -49.93
C ASP C 91 -33.55 2.33 -50.07
N GLY C 92 -34.29 1.98 -49.00
CA GLY C 92 -35.77 1.99 -49.00
C GLY C 92 -36.39 0.67 -49.45
N GLN C 93 -35.59 -0.28 -49.97
CA GLN C 93 -36.06 -1.61 -50.44
C GLN C 93 -36.24 -2.55 -49.24
N THR C 94 -37.47 -2.96 -48.95
CA THR C 94 -37.75 -3.94 -47.88
C THR C 94 -37.18 -5.29 -48.32
N ARG C 95 -36.28 -5.86 -47.52
CA ARG C 95 -35.64 -7.18 -47.78
C ARG C 95 -36.10 -8.16 -46.69
N ASP C 96 -35.78 -9.44 -46.87
CA ASP C 96 -36.25 -10.57 -46.02
C ASP C 96 -35.66 -10.48 -44.60
N ILE C 97 -34.44 -9.97 -44.43
CA ILE C 97 -33.83 -9.88 -43.07
C ILE C 97 -34.14 -8.48 -42.52
N ALA C 98 -34.97 -8.41 -41.46
CA ALA C 98 -35.53 -7.16 -40.90
C ALA C 98 -34.40 -6.18 -40.53
N THR C 99 -33.30 -6.68 -39.95
CA THR C 99 -32.17 -5.82 -39.48
C THR C 99 -31.50 -5.12 -40.67
N TRP C 100 -31.77 -5.52 -41.92
CA TRP C 100 -31.16 -4.87 -43.12
C TRP C 100 -31.96 -3.63 -43.54
N ASN C 101 -33.17 -3.49 -43.01
CA ASN C 101 -34.17 -2.47 -43.46
C ASN C 101 -34.03 -1.22 -42.59
N ARG C 102 -32.82 -0.67 -42.55
N ARG C 102 -32.79 -0.74 -42.41
CA ARG C 102 -32.50 0.51 -41.72
CA ARG C 102 -32.44 0.37 -41.50
C ARG C 102 -31.08 0.96 -42.05
C ARG C 102 -31.03 0.87 -41.87
N ASP C 103 -30.70 2.10 -41.49
CA ASP C 103 -29.38 2.71 -41.68
C ASP C 103 -28.35 1.89 -40.88
N HIS C 104 -27.12 1.90 -41.34
CA HIS C 104 -26.02 1.09 -40.76
C HIS C 104 -24.72 1.87 -40.82
N ASN C 105 -23.83 1.52 -39.91
CA ASN C 105 -22.40 1.90 -40.00
C ASN C 105 -21.60 0.61 -40.22
N LEU C 106 -20.28 0.70 -40.31
CA LEU C 106 -19.44 -0.50 -40.55
C LEU C 106 -19.69 -1.54 -39.45
N ILE C 107 -19.82 -1.11 -38.19
CA ILE C 107 -19.94 -2.04 -37.03
C ILE C 107 -21.23 -2.84 -37.19
N THR C 108 -22.37 -2.17 -37.40
CA THR C 108 -23.66 -2.88 -37.45
C THR C 108 -23.80 -3.61 -38.79
N ALA C 109 -23.25 -3.08 -39.88
CA ALA C 109 -23.33 -3.76 -41.20
C ALA C 109 -22.60 -5.12 -41.10
N MET C 110 -21.49 -5.19 -40.39
CA MET C 110 -20.75 -6.46 -40.17
C MET C 110 -21.57 -7.35 -39.25
N LYS C 111 -22.05 -6.79 -38.13
CA LYS C 111 -22.77 -7.55 -37.08
C LYS C 111 -23.98 -8.27 -37.71
N TYR C 112 -24.74 -7.59 -38.57
CA TYR C 112 -26.00 -8.14 -39.13
C TYR C 112 -25.79 -8.65 -40.56
N SER C 113 -24.55 -8.61 -41.04
N SER C 113 -24.55 -8.69 -41.06
CA SER C 113 -24.14 -9.14 -42.36
CA SER C 113 -24.21 -9.23 -42.40
C SER C 113 -25.04 -8.53 -43.42
C SER C 113 -25.05 -8.53 -43.47
N VAL C 114 -25.00 -7.19 -43.51
CA VAL C 114 -25.93 -6.36 -44.34
C VAL C 114 -25.38 -6.29 -45.76
N VAL C 115 -25.78 -7.28 -46.55
CA VAL C 115 -25.31 -7.50 -47.94
C VAL C 115 -25.47 -6.21 -48.76
N PRO C 116 -26.65 -5.54 -48.76
CA PRO C 116 -26.84 -4.36 -49.61
C PRO C 116 -25.79 -3.27 -49.40
N VAL C 117 -25.37 -3.04 -48.15
CA VAL C 117 -24.32 -2.02 -47.83
C VAL C 117 -23.02 -2.43 -48.55
N TYR C 118 -22.65 -3.70 -48.47
CA TYR C 118 -21.37 -4.23 -49.03
C TYR C 118 -21.46 -4.31 -50.56
N GLN C 119 -22.66 -4.56 -51.08
CA GLN C 119 -22.87 -4.50 -52.56
C GLN C 119 -22.56 -3.08 -53.03
N GLU C 120 -23.02 -2.06 -52.30
CA GLU C 120 -22.73 -0.66 -52.68
C GLU C 120 -21.23 -0.40 -52.56
N PHE C 121 -20.57 -0.88 -51.50
CA PHE C 121 -19.10 -0.73 -51.37
C PHE C 121 -18.42 -1.28 -52.64
N ALA C 122 -18.78 -2.51 -53.04
CA ALA C 122 -18.17 -3.25 -54.18
C ALA C 122 -18.33 -2.45 -55.49
N ARG C 123 -19.52 -1.88 -55.74
CA ARG C 123 -19.74 -1.02 -56.92
C ARG C 123 -18.78 0.17 -56.85
N GLN C 124 -18.62 0.78 -55.67
CA GLN C 124 -17.74 1.98 -55.55
C GLN C 124 -16.27 1.59 -55.70
N ILE C 125 -15.89 0.43 -55.16
CA ILE C 125 -14.49 -0.09 -55.31
C ILE C 125 -14.24 -0.29 -56.83
N GLY C 126 -15.16 -1.01 -57.48
CA GLY C 126 -15.05 -1.32 -58.94
C GLY C 126 -14.20 -2.56 -59.17
N GLU C 127 -14.37 -3.18 -60.34
N GLU C 127 -14.34 -3.18 -60.34
CA GLU C 127 -13.78 -4.50 -60.71
CA GLU C 127 -13.76 -4.52 -60.64
C GLU C 127 -12.24 -4.40 -60.63
C GLU C 127 -12.23 -4.43 -60.66
N ALA C 128 -11.66 -3.37 -61.25
CA ALA C 128 -10.19 -3.24 -61.46
C ALA C 128 -9.48 -3.21 -60.09
N ARG C 129 -9.95 -2.37 -59.18
N ARG C 129 -9.94 -2.34 -59.19
CA ARG C 129 -9.32 -2.21 -57.84
CA ARG C 129 -9.33 -2.18 -57.84
C ARG C 129 -9.63 -3.45 -57.01
C ARG C 129 -9.63 -3.45 -57.02
N MET C 130 -10.83 -4.01 -57.13
CA MET C 130 -11.20 -5.21 -56.34
C MET C 130 -10.23 -6.33 -56.70
N SER C 131 -9.97 -6.49 -58.00
CA SER C 131 -9.08 -7.55 -58.53
C SER C 131 -7.66 -7.33 -58.01
N LYS C 132 -7.11 -6.12 -58.16
CA LYS C 132 -5.73 -5.83 -57.72
C LYS C 132 -5.59 -6.12 -56.22
N MET C 133 -6.59 -5.75 -55.42
CA MET C 133 -6.51 -5.93 -53.95
C MET C 133 -6.55 -7.41 -53.57
N LEU C 134 -7.40 -8.21 -54.21
CA LEU C 134 -7.49 -9.65 -53.85
C LEU C 134 -6.19 -10.33 -54.27
N HIS C 135 -5.57 -9.88 -55.37
CA HIS C 135 -4.23 -10.40 -55.74
C HIS C 135 -3.22 -10.01 -54.65
N ALA C 136 -3.23 -8.76 -54.21
CA ALA C 136 -2.31 -8.24 -53.15
C ALA C 136 -2.52 -9.05 -51.88
N PHE C 137 -3.76 -9.44 -51.57
CA PHE C 137 -4.09 -10.18 -50.34
C PHE C 137 -3.81 -11.67 -50.50
N ASP C 138 -3.50 -12.15 -51.71
CA ASP C 138 -3.32 -13.59 -51.99
C ASP C 138 -4.58 -14.33 -51.53
N TYR C 139 -5.76 -13.75 -51.78
CA TYR C 139 -7.06 -14.23 -51.24
C TYR C 139 -7.65 -15.34 -52.11
N GLY C 140 -7.71 -16.56 -51.56
CA GLY C 140 -8.34 -17.71 -52.24
C GLY C 140 -7.80 -17.88 -53.66
N ASN C 141 -8.69 -18.06 -54.63
CA ASN C 141 -8.32 -18.22 -56.05
C ASN C 141 -8.23 -16.86 -56.73
N GLU C 142 -8.46 -15.76 -56.00
CA GLU C 142 -8.25 -14.36 -56.52
C GLU C 142 -9.17 -14.05 -57.72
N ASP C 143 -10.22 -14.83 -57.96
CA ASP C 143 -11.07 -14.77 -59.18
C ASP C 143 -12.39 -14.07 -58.86
N ILE C 144 -12.56 -12.85 -59.38
CA ILE C 144 -13.78 -12.04 -59.06
C ILE C 144 -14.78 -12.14 -60.20
N SER C 145 -14.65 -13.13 -61.08
CA SER C 145 -15.52 -13.11 -62.28
C SER C 145 -16.98 -13.30 -61.83
N GLY C 146 -17.86 -12.57 -62.49
CA GLY C 146 -19.29 -12.49 -62.17
C GLY C 146 -19.67 -11.04 -61.96
N ASN C 147 -20.79 -10.81 -61.27
CA ASN C 147 -21.26 -9.44 -60.91
C ASN C 147 -20.27 -8.84 -59.92
N VAL C 148 -19.79 -7.62 -60.16
CA VAL C 148 -18.88 -6.91 -59.22
C VAL C 148 -19.55 -6.82 -57.82
N ASP C 149 -20.88 -6.83 -57.75
CA ASP C 149 -21.61 -6.67 -56.47
C ASP C 149 -22.22 -7.98 -56.00
N SER C 150 -21.85 -9.15 -56.56
CA SER C 150 -22.35 -10.44 -56.00
C SER C 150 -21.39 -11.62 -56.18
N PHE C 151 -20.17 -11.41 -56.66
CA PHE C 151 -19.24 -12.50 -57.04
C PHE C 151 -18.89 -13.39 -55.85
N TRP C 152 -18.90 -12.82 -54.63
CA TRP C 152 -18.60 -13.59 -53.40
C TRP C 152 -19.81 -14.44 -53.01
N LEU C 153 -20.97 -14.18 -53.63
CA LEU C 153 -22.21 -14.96 -53.36
C LEU C 153 -22.52 -15.91 -54.51
N ASP C 154 -22.26 -15.50 -55.74
CA ASP C 154 -22.59 -16.35 -56.91
C ASP C 154 -21.64 -16.16 -58.08
N GLY C 155 -20.42 -15.72 -57.82
CA GLY C 155 -19.40 -15.57 -58.87
C GLY C 155 -18.34 -16.67 -58.76
N GLY C 156 -17.13 -16.36 -59.24
CA GLY C 156 -16.07 -17.35 -59.42
C GLY C 156 -15.19 -17.51 -58.19
N ILE C 157 -15.29 -16.64 -57.19
CA ILE C 157 -14.29 -16.63 -56.08
C ILE C 157 -14.48 -17.87 -55.19
N ARG C 158 -13.36 -18.48 -54.81
CA ARG C 158 -13.40 -19.70 -53.97
C ARG C 158 -12.25 -19.60 -52.98
N ILE C 159 -12.51 -19.97 -51.74
CA ILE C 159 -11.47 -19.96 -50.69
C ILE C 159 -11.72 -21.15 -49.78
N SER C 160 -10.62 -21.80 -49.34
CA SER C 160 -10.69 -22.94 -48.40
C SER C 160 -10.60 -22.40 -46.97
N ALA C 161 -10.91 -23.24 -45.99
CA ALA C 161 -10.71 -22.92 -44.55
C ALA C 161 -9.23 -22.63 -44.29
N THR C 162 -8.28 -23.37 -44.87
CA THR C 162 -6.84 -23.13 -44.61
C THR C 162 -6.43 -21.80 -45.22
N GLU C 163 -6.99 -21.44 -46.36
CA GLU C 163 -6.71 -20.14 -46.99
C GLU C 163 -7.34 -18.98 -46.18
N GLN C 164 -8.51 -19.19 -45.57
CA GLN C 164 -9.13 -18.20 -44.63
C GLN C 164 -8.13 -17.93 -43.49
N ILE C 165 -7.57 -18.98 -42.87
CA ILE C 165 -6.58 -18.82 -41.77
C ILE C 165 -5.34 -18.05 -42.28
N SER C 166 -4.81 -18.38 -43.44
CA SER C 166 -3.62 -17.64 -43.96
C SER C 166 -3.92 -16.16 -44.05
N PHE C 167 -5.07 -15.84 -44.62
CA PHE C 167 -5.52 -14.43 -44.81
C PHE C 167 -5.66 -13.74 -43.46
N LEU C 168 -6.36 -14.39 -42.53
CA LEU C 168 -6.63 -13.86 -41.16
C LEU C 168 -5.33 -13.67 -40.38
N ARG C 169 -4.34 -14.54 -40.53
CA ARG C 169 -3.05 -14.35 -39.81
C ARG C 169 -2.43 -13.03 -40.29
N LYS C 170 -2.51 -12.74 -41.57
CA LYS C 170 -1.89 -11.49 -42.10
C LYS C 170 -2.64 -10.28 -41.50
N LEU C 171 -3.97 -10.36 -41.45
CA LEU C 171 -4.81 -9.27 -40.87
C LEU C 171 -4.44 -9.07 -39.39
N TYR C 172 -4.36 -10.17 -38.62
CA TYR C 172 -4.01 -10.09 -37.19
C TYR C 172 -2.69 -9.31 -37.01
N HIS C 173 -1.69 -9.59 -37.85
CA HIS C 173 -0.32 -9.03 -37.73
C HIS C 173 -0.18 -7.72 -38.51
N ASN C 174 -1.26 -7.15 -39.03
CA ASN C 174 -1.25 -5.90 -39.83
C ASN C 174 -0.32 -6.07 -41.03
N LYS C 175 -0.28 -7.27 -41.62
CA LYS C 175 0.66 -7.53 -42.74
C LYS C 175 -0.02 -7.40 -44.10
N LEU C 176 -1.33 -7.13 -44.19
CA LEU C 176 -1.96 -6.91 -45.52
C LEU C 176 -1.49 -5.57 -46.12
N HIS C 177 -1.55 -5.41 -47.44
CA HIS C 177 -1.10 -4.19 -48.17
C HIS C 177 -2.28 -3.21 -48.19
N VAL C 178 -2.78 -2.90 -47.01
CA VAL C 178 -3.62 -1.72 -46.71
C VAL C 178 -3.01 -1.10 -45.46
N SER C 179 -3.51 0.04 -45.02
CA SER C 179 -2.87 0.77 -43.90
C SER C 179 -3.12 0.00 -42.60
N GLU C 180 -2.28 0.24 -41.62
CA GLU C 180 -2.50 -0.25 -40.26
C GLU C 180 -3.91 0.19 -39.79
N ARG C 181 -4.29 1.42 -40.05
CA ARG C 181 -5.60 1.97 -39.60
C ARG C 181 -6.73 1.10 -40.16
N SER C 182 -6.70 0.82 -41.46
CA SER C 182 -7.76 0.03 -42.12
C SER C 182 -7.85 -1.33 -41.40
N GLN C 183 -6.71 -1.93 -41.09
CA GLN C 183 -6.69 -3.28 -40.46
C GLN C 183 -7.25 -3.17 -39.04
N ARG C 184 -6.86 -2.15 -38.30
CA ARG C 184 -7.34 -1.98 -36.90
C ARG C 184 -8.85 -1.78 -36.92
N ILE C 185 -9.38 -1.01 -37.87
CA ILE C 185 -10.86 -0.73 -37.87
C ILE C 185 -11.61 -2.03 -38.19
N VAL C 186 -11.15 -2.80 -39.18
CA VAL C 186 -11.84 -4.08 -39.53
C VAL C 186 -11.77 -5.01 -38.32
N LYS C 187 -10.63 -5.10 -37.63
CA LYS C 187 -10.55 -6.01 -36.45
C LYS C 187 -11.53 -5.54 -35.35
N GLN C 188 -11.72 -4.24 -35.19
CA GLN C 188 -12.79 -3.71 -34.28
C GLN C 188 -14.15 -4.20 -34.75
N ALA C 189 -14.44 -4.09 -36.04
CA ALA C 189 -15.74 -4.45 -36.62
C ALA C 189 -15.98 -5.97 -36.52
N MET C 190 -14.91 -6.79 -36.48
CA MET C 190 -15.03 -8.26 -36.35
C MET C 190 -15.37 -8.67 -34.91
N LEU C 191 -15.31 -7.75 -33.96
CA LEU C 191 -15.49 -8.12 -32.55
C LEU C 191 -16.83 -8.82 -32.42
N THR C 192 -16.86 -10.02 -31.86
CA THR C 192 -18.06 -10.88 -31.74
C THR C 192 -18.38 -11.18 -30.28
N GLU C 193 -17.39 -11.59 -29.52
CA GLU C 193 -17.59 -12.00 -28.12
C GLU C 193 -16.35 -11.63 -27.32
N ALA C 194 -16.53 -11.19 -26.10
CA ALA C 194 -15.40 -10.96 -25.18
C ALA C 194 -15.87 -11.19 -23.76
N ASN C 195 -14.99 -11.79 -22.96
CA ASN C 195 -15.21 -11.95 -21.50
C ASN C 195 -13.84 -12.05 -20.85
N GLY C 196 -13.80 -12.42 -19.58
CA GLY C 196 -12.54 -12.54 -18.82
C GLY C 196 -11.63 -13.65 -19.32
N ASP C 197 -12.14 -14.55 -20.18
CA ASP C 197 -11.43 -15.79 -20.57
C ASP C 197 -10.88 -15.67 -21.99
N TYR C 198 -11.59 -14.98 -22.87
CA TYR C 198 -11.21 -14.92 -24.30
C TYR C 198 -11.91 -13.78 -25.01
N ILE C 199 -11.35 -13.42 -26.16
CA ILE C 199 -11.96 -12.50 -27.13
C ILE C 199 -12.07 -13.24 -28.45
N ILE C 200 -13.24 -13.17 -29.08
CA ILE C 200 -13.43 -13.71 -30.45
C ILE C 200 -13.71 -12.56 -31.42
N ARG C 201 -12.86 -12.47 -32.43
CA ARG C 201 -13.07 -11.62 -33.62
C ARG C 201 -13.33 -12.55 -34.78
N ALA C 202 -14.46 -12.41 -35.43
CA ALA C 202 -14.85 -13.39 -36.47
C ALA C 202 -15.88 -12.80 -37.44
N LYS C 203 -16.19 -13.58 -38.47
CA LYS C 203 -17.30 -13.25 -39.38
C LYS C 203 -18.00 -14.55 -39.80
N THR C 204 -19.33 -14.54 -39.72
CA THR C 204 -20.17 -15.64 -40.26
C THR C 204 -20.34 -15.50 -41.78
N GLY C 205 -20.68 -16.62 -42.40
CA GLY C 205 -21.12 -16.64 -43.80
C GLY C 205 -22.16 -17.72 -44.00
N TYR C 206 -23.02 -17.54 -44.98
CA TYR C 206 -24.08 -18.51 -45.33
C TYR C 206 -24.19 -18.49 -46.85
N SER C 207 -23.62 -19.49 -47.52
CA SER C 207 -23.61 -19.58 -49.00
C SER C 207 -24.81 -20.42 -49.44
N THR C 208 -25.80 -19.78 -50.07
CA THR C 208 -27.11 -20.40 -50.39
C THR C 208 -27.41 -20.31 -51.89
N ARG C 209 -26.67 -19.53 -52.65
CA ARG C 209 -27.02 -19.25 -54.05
C ARG C 209 -26.51 -20.35 -55.01
N ILE C 210 -25.42 -21.03 -54.69
CA ILE C 210 -24.82 -22.11 -55.53
C ILE C 210 -24.57 -23.30 -54.61
N GLU C 211 -24.94 -24.51 -55.03
CA GLU C 211 -24.68 -25.73 -54.20
C GLU C 211 -23.16 -25.92 -54.11
N PRO C 212 -22.64 -26.53 -53.02
CA PRO C 212 -23.48 -26.96 -51.90
C PRO C 212 -23.73 -25.79 -50.94
N LYS C 213 -24.95 -25.71 -50.39
CA LYS C 213 -25.28 -24.71 -49.35
C LYS C 213 -24.43 -24.98 -48.12
N ILE C 214 -23.65 -23.99 -47.67
CA ILE C 214 -22.76 -24.19 -46.50
C ILE C 214 -22.81 -22.97 -45.60
N GLY C 215 -22.48 -23.17 -44.35
CA GLY C 215 -22.24 -22.08 -43.39
C GLY C 215 -20.76 -21.98 -43.10
N TRP C 216 -20.30 -20.75 -42.86
CA TRP C 216 -18.94 -20.45 -42.41
C TRP C 216 -18.94 -19.80 -41.04
N TRP C 217 -17.86 -20.02 -40.31
CA TRP C 217 -17.39 -19.08 -39.26
C TRP C 217 -15.87 -18.97 -39.34
N VAL C 218 -15.31 -17.78 -39.57
CA VAL C 218 -13.82 -17.64 -39.60
C VAL C 218 -13.41 -16.51 -38.66
N GLY C 219 -12.25 -16.67 -38.04
CA GLY C 219 -11.74 -15.60 -37.17
C GLY C 219 -10.65 -16.10 -36.28
N TRP C 220 -10.61 -15.56 -35.07
CA TRP C 220 -9.63 -16.05 -34.07
C TRP C 220 -10.10 -15.81 -32.66
N VAL C 221 -9.47 -16.57 -31.77
CA VAL C 221 -9.64 -16.46 -30.31
C VAL C 221 -8.36 -15.87 -29.75
N GLU C 222 -8.45 -14.69 -29.13
CA GLU C 222 -7.31 -14.06 -28.44
C GLU C 222 -7.35 -14.55 -26.99
N LEU C 223 -6.25 -15.16 -26.58
CA LEU C 223 -6.02 -15.53 -25.17
C LEU C 223 -5.01 -14.54 -24.59
N ASP C 224 -4.74 -14.64 -23.29
CA ASP C 224 -3.70 -13.78 -22.66
C ASP C 224 -2.36 -13.97 -23.38
N ASP C 225 -2.03 -15.21 -23.74
CA ASP C 225 -0.64 -15.60 -24.10
C ASP C 225 -0.57 -16.31 -25.45
N ASN C 226 -1.66 -16.37 -26.21
CA ASN C 226 -1.69 -17.08 -27.50
C ASN C 226 -2.87 -16.56 -28.30
N VAL C 227 -2.86 -16.87 -29.58
CA VAL C 227 -3.98 -16.63 -30.53
C VAL C 227 -4.26 -17.94 -31.25
N TRP C 228 -5.52 -18.37 -31.24
CA TRP C 228 -5.98 -19.53 -32.01
C TRP C 228 -6.83 -19.03 -33.18
N PHE C 229 -6.31 -19.14 -34.38
CA PHE C 229 -7.09 -18.83 -35.60
C PHE C 229 -7.99 -20.03 -35.88
N PHE C 230 -9.16 -19.76 -36.46
CA PHE C 230 -10.11 -20.84 -36.79
C PHE C 230 -10.83 -20.49 -38.09
N ALA C 231 -11.22 -21.53 -38.81
CA ALA C 231 -12.10 -21.43 -39.98
C ALA C 231 -12.89 -22.72 -39.99
N MET C 232 -14.21 -22.59 -40.00
CA MET C 232 -15.10 -23.77 -40.04
C MET C 232 -16.06 -23.59 -41.19
N ASN C 233 -16.44 -24.69 -41.83
CA ASN C 233 -17.64 -24.66 -42.71
C ASN C 233 -18.38 -25.97 -42.50
N MET C 234 -19.67 -25.92 -42.76
CA MET C 234 -20.55 -27.08 -42.55
C MET C 234 -21.67 -27.04 -43.58
N ASP C 235 -22.21 -28.21 -43.89
CA ASP C 235 -23.40 -28.29 -44.77
C ASP C 235 -24.56 -27.59 -44.04
N MET C 236 -25.32 -26.81 -44.79
CA MET C 236 -26.42 -25.95 -44.28
C MET C 236 -27.54 -25.98 -45.31
N PRO C 237 -28.29 -27.11 -45.41
CA PRO C 237 -29.38 -27.20 -46.38
C PRO C 237 -30.50 -26.19 -46.09
N THR C 238 -30.75 -25.89 -44.80
CA THR C 238 -31.72 -24.87 -44.37
C THR C 238 -31.06 -23.96 -43.32
N SER C 239 -31.64 -22.78 -43.14
CA SER C 239 -31.18 -21.75 -42.16
C SER C 239 -31.39 -22.24 -40.71
N ASP C 240 -32.07 -23.37 -40.47
CA ASP C 240 -32.35 -23.85 -39.10
C ASP C 240 -31.06 -24.13 -38.33
N GLY C 241 -30.00 -24.62 -38.99
CA GLY C 241 -28.76 -25.02 -38.31
C GLY C 241 -27.74 -23.88 -38.17
N LEU C 242 -28.07 -22.64 -38.49
CA LEU C 242 -27.06 -21.57 -38.61
C LEU C 242 -26.34 -21.40 -37.25
N GLY C 243 -27.03 -21.57 -36.13
CA GLY C 243 -26.40 -21.42 -34.80
C GLY C 243 -25.29 -22.44 -34.55
N LEU C 244 -25.27 -23.54 -35.32
CA LEU C 244 -24.27 -24.63 -35.15
C LEU C 244 -22.91 -24.17 -35.64
N ARG C 245 -22.86 -23.14 -36.48
CA ARG C 245 -21.53 -22.62 -36.94
C ARG C 245 -20.69 -22.27 -35.71
N GLN C 246 -21.25 -21.44 -34.83
CA GLN C 246 -20.55 -21.01 -33.60
C GLN C 246 -20.55 -22.16 -32.59
N ALA C 247 -21.68 -22.88 -32.43
CA ALA C 247 -21.80 -23.89 -31.36
C ALA C 247 -20.81 -25.04 -31.57
N ILE C 248 -20.66 -25.51 -32.81
CA ILE C 248 -19.75 -26.64 -33.10
C ILE C 248 -18.30 -26.18 -32.92
N THR C 249 -17.96 -24.97 -33.40
CA THR C 249 -16.60 -24.39 -33.21
C THR C 249 -16.29 -24.29 -31.72
N LYS C 250 -17.21 -23.76 -30.91
CA LYS C 250 -16.95 -23.65 -29.44
C LYS C 250 -16.84 -25.07 -28.82
N GLU C 251 -17.57 -26.07 -29.31
CA GLU C 251 -17.44 -27.44 -28.75
C GLU C 251 -16.00 -27.94 -28.99
N VAL C 252 -15.43 -27.65 -30.15
CA VAL C 252 -14.02 -27.99 -30.47
C VAL C 252 -13.07 -27.19 -29.57
N LEU C 253 -13.25 -25.87 -29.48
CA LEU C 253 -12.37 -25.02 -28.62
C LEU C 253 -12.39 -25.57 -27.19
N LYS C 254 -13.57 -25.95 -26.70
CA LYS C 254 -13.73 -26.47 -25.31
C LYS C 254 -12.96 -27.79 -25.18
N GLN C 255 -13.14 -28.71 -26.13
CA GLN C 255 -12.45 -30.03 -26.13
C GLN C 255 -10.93 -29.81 -26.09
N GLU C 256 -10.42 -28.81 -26.81
CA GLU C 256 -8.97 -28.50 -26.88
C GLU C 256 -8.53 -27.62 -25.69
N LYS C 257 -9.43 -27.31 -24.76
CA LYS C 257 -9.09 -26.54 -23.52
C LYS C 257 -8.64 -25.12 -23.88
N ILE C 258 -9.06 -24.59 -25.02
CA ILE C 258 -8.76 -23.19 -25.45
C ILE C 258 -9.72 -22.24 -24.71
N ILE C 259 -10.97 -22.64 -24.54
CA ILE C 259 -11.99 -21.89 -23.75
C ILE C 259 -12.46 -22.82 -22.63
N PRO C 260 -12.85 -22.25 -21.47
CA PRO C 260 -13.36 -23.06 -20.36
C PRO C 260 -14.83 -23.46 -20.58
N LEU D 13 -15.67 18.89 39.98
CA LEU D 13 -14.59 19.15 38.97
C LEU D 13 -13.78 20.39 39.42
N TYR D 14 -12.84 20.82 38.58
CA TYR D 14 -11.82 21.85 38.92
C TYR D 14 -12.15 23.18 38.20
N PHE D 15 -11.41 24.24 38.53
CA PHE D 15 -11.61 25.64 38.06
C PHE D 15 -10.41 26.06 37.22
N GLN D 16 -10.64 26.84 36.16
CA GLN D 16 -9.56 27.41 35.31
C GLN D 16 -8.81 28.46 36.14
N GLY D 17 -7.61 28.86 35.70
CA GLY D 17 -6.84 29.99 36.26
C GLY D 17 -6.22 29.70 37.63
N LYS D 18 -6.79 28.76 38.40
CA LYS D 18 -6.35 28.43 39.80
C LYS D 18 -4.95 27.79 39.77
N GLU D 19 -4.03 28.27 40.59
CA GLU D 19 -2.61 27.80 40.59
C GLU D 19 -2.57 26.39 41.22
N TRP D 20 -3.12 26.27 42.43
CA TRP D 20 -3.09 25.02 43.24
C TRP D 20 -4.51 24.77 43.73
N GLN D 21 -5.03 23.58 43.46
CA GLN D 21 -6.38 23.17 43.86
C GLN D 21 -6.21 21.98 44.79
N GLU D 22 -6.91 22.00 45.91
CA GLU D 22 -6.82 20.92 46.90
C GLU D 22 -7.93 19.91 46.62
N ASN D 23 -7.57 18.64 46.68
CA ASN D 23 -8.50 17.50 46.51
C ASN D 23 -8.27 16.56 47.68
N LYS D 24 -9.03 16.76 48.77
CA LYS D 24 -8.84 16.01 50.02
C LYS D 24 -9.25 14.54 49.84
N SER D 25 -10.00 14.21 48.78
CA SER D 25 -10.47 12.81 48.54
C SER D 25 -9.28 11.86 48.45
N TRP D 26 -8.11 12.33 47.98
CA TRP D 26 -6.93 11.45 47.88
C TRP D 26 -6.49 10.95 49.26
N ASN D 27 -6.88 11.63 50.34
CA ASN D 27 -6.52 11.18 51.71
C ASN D 27 -7.04 9.76 51.91
N ALA D 28 -8.08 9.36 51.20
CA ALA D 28 -8.68 8.00 51.33
C ALA D 28 -7.58 6.97 51.03
N HIS D 29 -6.67 7.26 50.07
CA HIS D 29 -5.66 6.31 49.58
C HIS D 29 -4.60 6.14 50.68
N PHE D 30 -4.32 7.20 51.44
CA PHE D 30 -3.37 7.15 52.58
C PHE D 30 -4.04 6.41 53.74
N THR D 31 -5.26 6.82 54.08
CA THR D 31 -6.02 6.26 55.22
C THR D 31 -6.19 4.75 55.06
N GLU D 32 -6.45 4.29 53.83
CA GLU D 32 -6.64 2.84 53.55
C GLU D 32 -5.44 2.07 54.10
N HIS D 33 -4.24 2.64 54.05
CA HIS D 33 -2.98 1.97 54.47
C HIS D 33 -2.48 2.51 55.82
N LYS D 34 -3.36 3.11 56.63
CA LYS D 34 -3.08 3.62 58.00
C LYS D 34 -1.90 4.58 57.95
N SER D 35 -1.85 5.38 56.90
CA SER D 35 -0.71 6.28 56.63
C SER D 35 -1.21 7.71 56.44
N GLN D 36 -0.28 8.64 56.32
CA GLN D 36 -0.64 10.01 55.92
C GLN D 36 0.53 10.57 55.11
N GLY D 37 0.19 11.45 54.21
CA GLY D 37 1.18 12.06 53.35
C GLY D 37 0.56 12.96 52.34
N VAL D 38 1.36 13.31 51.34
CA VAL D 38 0.92 14.25 50.31
C VAL D 38 1.30 13.71 48.96
N VAL D 39 0.39 13.86 48.00
CA VAL D 39 0.68 13.76 46.54
C VAL D 39 0.48 15.15 45.95
N VAL D 40 1.48 15.59 45.19
CA VAL D 40 1.38 16.83 44.38
C VAL D 40 1.50 16.45 42.89
N LEU D 41 0.57 16.97 42.09
CA LEU D 41 0.54 16.82 40.62
C LEU D 41 0.65 18.19 39.96
N TRP D 42 1.33 18.25 38.83
CA TRP D 42 1.37 19.47 37.99
C TRP D 42 1.07 19.08 36.56
N ASN D 43 -0.01 19.62 36.03
CA ASN D 43 -0.39 19.45 34.60
C ASN D 43 0.42 20.46 33.77
N GLU D 44 1.40 20.00 33.00
CA GLU D 44 2.31 20.91 32.29
C GLU D 44 1.55 21.73 31.25
N ASN D 45 0.70 21.10 30.44
CA ASN D 45 -0.05 21.85 29.40
C ASN D 45 -0.86 22.98 30.03
N LYS D 46 -1.58 22.71 31.12
CA LYS D 46 -2.57 23.65 31.69
C LYS D 46 -1.89 24.58 32.71
N GLN D 47 -0.67 24.25 33.17
CA GLN D 47 0.08 25.03 34.19
C GLN D 47 -0.80 25.12 35.43
N GLN D 48 -1.27 23.96 35.90
CA GLN D 48 -2.17 23.87 37.06
C GLN D 48 -1.73 22.71 37.94
N GLY D 49 -1.75 22.96 39.24
CA GLY D 49 -1.32 22.02 40.27
C GLY D 49 -2.49 21.52 41.08
N PHE D 50 -2.33 20.35 41.65
CA PHE D 50 -3.37 19.64 42.45
C PHE D 50 -2.67 18.93 43.60
N THR D 51 -3.29 18.92 44.78
CA THR D 51 -2.70 18.23 45.95
C THR D 51 -3.84 17.89 46.90
N ASN D 52 -3.63 16.88 47.71
CA ASN D 52 -4.58 16.52 48.79
C ASN D 52 -4.31 17.39 50.01
N ASN D 53 -3.20 18.12 50.08
CA ASN D 53 -2.81 18.84 51.33
C ASN D 53 -1.90 20.01 50.95
N LEU D 54 -2.49 21.20 50.85
CA LEU D 54 -1.77 22.43 50.44
C LEU D 54 -0.67 22.76 51.42
N LYS D 55 -0.85 22.44 52.68
CA LYS D 55 0.19 22.71 53.72
C LYS D 55 1.36 21.72 53.51
N ARG D 56 1.12 20.42 53.59
CA ARG D 56 2.24 19.43 53.50
C ARG D 56 2.91 19.46 52.11
N ALA D 57 2.17 19.81 51.06
CA ALA D 57 2.68 19.96 49.68
C ALA D 57 3.88 20.89 49.72
N ASN D 58 3.85 21.86 50.64
CA ASN D 58 4.86 22.94 50.69
C ASN D 58 5.83 22.76 51.87
N GLN D 59 5.70 21.69 52.64
CA GLN D 59 6.60 21.37 53.78
C GLN D 59 7.93 20.80 53.26
N ALA D 60 9.04 21.39 53.69
CA ALA D 60 10.40 21.02 53.19
C ALA D 60 11.00 19.95 54.10
N PHE D 61 11.44 18.84 53.48
CA PHE D 61 12.04 17.68 54.16
C PHE D 61 13.45 17.43 53.61
N LEU D 62 14.26 16.63 54.31
CA LEU D 62 15.48 16.07 53.70
C LEU D 62 15.10 15.38 52.40
N PRO D 63 15.84 15.58 51.30
CA PRO D 63 15.52 14.89 50.04
C PRO D 63 15.87 13.39 50.05
N ALA D 64 16.82 13.00 50.90
CA ALA D 64 17.34 11.62 50.97
C ALA D 64 17.68 11.19 49.54
N SER D 65 17.32 9.98 49.10
CA SER D 65 17.80 9.45 47.80
C SER D 65 17.20 10.23 46.60
N THR D 66 16.23 11.13 46.77
CA THR D 66 15.76 11.94 45.61
C THR D 66 16.90 12.86 45.22
N PHE D 67 17.86 13.07 46.12
CA PHE D 67 19.04 13.93 45.84
C PHE D 67 19.91 13.29 44.76
N KCX D 68 19.74 11.99 44.51
CA KCX D 68 20.51 11.31 43.48
CB KCX D 68 20.30 9.80 43.55
CG KCX D 68 21.00 9.17 44.74
CD KCX D 68 20.91 7.66 44.80
CE KCX D 68 21.65 7.05 45.97
NZ KCX D 68 21.09 7.43 47.28
C KCX D 68 20.25 11.93 42.10
O KCX D 68 21.13 11.84 41.24
CX KCX D 68 21.55 8.50 48.00
OQ1 KCX D 68 22.54 9.15 47.75
OQ2 KCX D 68 20.78 8.80 49.01
H KCX D 68 19.09 11.45 45.06
HA KCX D 68 21.46 11.47 43.68
HB2 KCX D 68 20.64 9.38 42.73
HB3 KCX D 68 19.34 9.62 43.61
HG2 KCX D 68 20.60 9.54 45.57
HG3 KCX D 68 21.94 9.43 44.73
HD2 KCX D 68 21.26 7.29 43.97
HD3 KCX D 68 19.96 7.40 44.86
HE2 KCX D 68 22.59 7.34 45.94
HE3 KCX D 68 21.64 6.08 45.89
HZ KCX D 68 20.44 6.94 47.61
HQ2 KCX D 68 20.10 8.25 49.02
N ILE D 69 19.12 12.64 41.90
CA ILE D 69 18.89 13.29 40.63
C ILE D 69 19.89 14.43 40.46
N PRO D 70 19.90 15.51 41.31
CA PRO D 70 20.89 16.58 41.13
C PRO D 70 22.33 16.09 41.24
N ASN D 71 22.60 15.18 42.16
CA ASN D 71 23.96 14.61 42.38
C ASN D 71 24.44 13.97 41.07
N SER D 72 23.60 13.17 40.43
CA SER D 72 23.86 12.53 39.11
C SER D 72 24.22 13.61 38.11
N LEU D 73 23.39 14.65 38.01
CA LEU D 73 23.60 15.70 37.00
C LEU D 73 24.96 16.37 37.21
N ILE D 74 25.28 16.70 38.45
CA ILE D 74 26.53 17.43 38.75
C ILE D 74 27.71 16.50 38.45
N ALA D 75 27.64 15.25 38.89
CA ALA D 75 28.73 14.26 38.66
C ALA D 75 29.00 14.10 37.17
N LEU D 76 27.93 13.98 36.36
CA LEU D 76 28.09 13.89 34.88
C LEU D 76 28.66 15.19 34.30
N ASP D 77 28.12 16.34 34.71
CA ASP D 77 28.52 17.65 34.12
C ASP D 77 30.00 17.88 34.38
N LEU D 78 30.50 17.46 35.54
CA LEU D 78 31.90 17.72 35.94
C LEU D 78 32.84 16.61 35.46
N GLY D 79 32.34 15.51 34.92
CA GLY D 79 33.18 14.40 34.44
C GLY D 79 33.57 13.44 35.54
N VAL D 80 32.98 13.56 36.72
CA VAL D 80 33.18 12.58 37.83
C VAL D 80 32.61 11.23 37.36
N VAL D 81 31.47 11.27 36.67
CA VAL D 81 30.90 10.09 35.95
C VAL D 81 31.07 10.36 34.45
N LYS D 82 31.73 9.45 33.75
CA LYS D 82 32.03 9.63 32.30
C LYS D 82 30.74 9.37 31.51
N ASP D 83 30.03 8.30 31.82
CA ASP D 83 28.78 7.91 31.12
C ASP D 83 28.05 6.89 32.02
N GLU D 84 26.92 6.37 31.52
CA GLU D 84 26.01 5.48 32.27
C GLU D 84 26.54 4.04 32.31
N HIS D 85 27.69 3.76 31.68
CA HIS D 85 28.32 2.41 31.59
C HIS D 85 29.49 2.31 32.59
N GLN D 86 30.03 3.46 33.01
CA GLN D 86 31.21 3.45 33.91
C GLN D 86 30.87 2.63 35.16
N VAL D 87 31.78 1.73 35.54
CA VAL D 87 31.59 0.82 36.71
C VAL D 87 32.21 1.48 37.94
N PHE D 88 31.43 1.52 39.01
CA PHE D 88 31.83 1.99 40.36
C PHE D 88 31.99 0.75 41.22
N LYS D 89 33.24 0.39 41.48
CA LYS D 89 33.64 -0.85 42.18
C LYS D 89 33.09 -0.77 43.60
N TRP D 90 32.43 -1.82 44.07
CA TRP D 90 32.07 -2.01 45.50
C TRP D 90 33.34 -1.85 46.34
N ASP D 91 33.28 -1.07 47.42
CA ASP D 91 34.46 -0.75 48.27
C ASP D 91 34.82 -1.93 49.18
N GLY D 92 34.04 -3.02 49.13
CA GLY D 92 34.29 -4.25 49.91
C GLY D 92 33.55 -4.28 51.24
N GLN D 93 32.94 -3.15 51.65
CA GLN D 93 32.26 -2.99 52.96
C GLN D 93 30.82 -3.51 52.83
N THR D 94 30.48 -4.58 53.56
CA THR D 94 29.14 -5.25 53.50
C THR D 94 28.13 -4.40 54.26
N ARG D 95 27.17 -3.81 53.54
CA ARG D 95 26.10 -2.96 54.12
C ARG D 95 24.81 -3.79 54.17
N ASP D 96 23.80 -3.25 54.87
CA ASP D 96 22.50 -3.92 55.17
C ASP D 96 21.75 -4.25 53.89
N ILE D 97 21.82 -3.38 52.87
CA ILE D 97 21.07 -3.55 51.59
C ILE D 97 21.95 -4.41 50.66
N ALA D 98 21.51 -5.65 50.41
CA ALA D 98 22.30 -6.67 49.68
C ALA D 98 22.74 -6.09 48.32
N THR D 99 21.82 -5.42 47.63
CA THR D 99 22.04 -4.92 46.26
C THR D 99 23.16 -3.87 46.26
N TRP D 100 23.54 -3.29 47.41
CA TRP D 100 24.64 -2.29 47.46
C TRP D 100 26.00 -2.99 47.45
N ASN D 101 26.03 -4.28 47.78
CA ASN D 101 27.28 -5.05 48.04
C ASN D 101 27.80 -5.67 46.72
N ARG D 102 28.00 -4.83 45.70
CA ARG D 102 28.40 -5.24 44.33
C ARG D 102 28.74 -4.00 43.49
N ASP D 103 29.31 -4.22 42.31
CA ASP D 103 29.68 -3.15 41.35
C ASP D 103 28.38 -2.56 40.77
N HIS D 104 28.39 -1.26 40.51
CA HIS D 104 27.24 -0.51 39.94
C HIS D 104 27.71 0.39 38.80
N ASN D 105 26.78 0.72 37.90
CA ASN D 105 26.92 1.85 36.98
C ASN D 105 25.85 2.87 37.38
N LEU D 106 25.77 3.99 36.68
CA LEU D 106 24.76 5.03 37.04
C LEU D 106 23.34 4.44 37.00
N ILE D 107 23.03 3.61 36.01
CA ILE D 107 21.65 3.06 35.87
C ILE D 107 21.32 2.24 37.11
N THR D 108 22.18 1.30 37.48
CA THR D 108 21.88 0.35 38.59
C THR D 108 22.02 1.08 39.94
N ALA D 109 22.92 2.06 40.05
CA ALA D 109 23.13 2.85 41.28
C ALA D 109 21.85 3.66 41.59
N MET D 110 21.21 4.19 40.56
N MET D 110 21.25 4.24 40.56
CA MET D 110 19.98 4.99 40.80
CA MET D 110 19.97 4.99 40.69
C MET D 110 18.80 4.02 41.05
C MET D 110 18.89 3.97 41.09
N LYS D 111 18.73 2.91 40.32
CA LYS D 111 17.62 1.93 40.50
C LYS D 111 17.62 1.35 41.93
N TYR D 112 18.79 1.06 42.49
CA TYR D 112 18.94 0.42 43.82
C TYR D 112 19.30 1.44 44.90
N SER D 113 19.28 2.74 44.55
CA SER D 113 19.57 3.86 45.49
C SER D 113 20.85 3.56 46.27
N VAL D 114 21.96 3.36 45.56
CA VAL D 114 23.23 2.89 46.16
C VAL D 114 23.97 4.10 46.76
N VAL D 115 23.66 4.40 48.02
CA VAL D 115 24.19 5.58 48.74
C VAL D 115 25.71 5.64 48.61
N PRO D 116 26.49 4.56 48.86
CA PRO D 116 27.95 4.71 48.90
C PRO D 116 28.56 5.21 47.60
N VAL D 117 27.98 4.81 46.46
CA VAL D 117 28.44 5.29 45.13
C VAL D 117 28.28 6.82 45.08
N TYR D 118 27.14 7.33 45.52
CA TYR D 118 26.82 8.78 45.46
C TYR D 118 27.59 9.57 46.52
N GLN D 119 27.91 8.95 47.65
CA GLN D 119 28.77 9.61 48.66
C GLN D 119 30.14 9.86 48.02
N GLU D 120 30.64 8.87 47.27
CA GLU D 120 31.94 9.03 46.58
C GLU D 120 31.79 10.14 45.54
N PHE D 121 30.72 10.18 44.74
CA PHE D 121 30.49 11.31 43.81
C PHE D 121 30.59 12.63 44.56
N ALA D 122 29.88 12.75 45.69
CA ALA D 122 29.79 14.02 46.45
C ALA D 122 31.19 14.47 46.90
N ARG D 123 32.05 13.55 47.38
CA ARG D 123 33.42 13.92 47.82
C ARG D 123 34.23 14.42 46.63
N GLN D 124 34.06 13.83 45.44
CA GLN D 124 34.84 14.22 44.23
C GLN D 124 34.34 15.58 43.74
N ILE D 125 33.02 15.80 43.81
CA ILE D 125 32.42 17.12 43.45
C ILE D 125 33.00 18.16 44.41
N GLY D 126 32.92 17.87 45.72
CA GLY D 126 33.39 18.77 46.80
C GLY D 126 32.44 19.92 47.08
N GLU D 127 32.58 20.54 48.28
CA GLU D 127 31.57 21.49 48.84
C GLU D 127 31.39 22.71 47.92
N ALA D 128 32.47 23.30 47.38
CA ALA D 128 32.37 24.57 46.62
C ALA D 128 31.53 24.35 45.35
N ARG D 129 31.78 23.30 44.58
CA ARG D 129 31.05 23.03 43.32
C ARG D 129 29.63 22.55 43.65
N MET D 130 29.45 21.73 44.68
CA MET D 130 28.11 21.24 45.06
C MET D 130 27.22 22.43 45.39
N SER D 131 27.73 23.36 46.20
CA SER D 131 26.97 24.57 46.62
C SER D 131 26.64 25.42 45.39
N LYS D 132 27.64 25.69 44.54
CA LYS D 132 27.46 26.55 43.34
C LYS D 132 26.34 25.93 42.49
N MET D 133 26.38 24.63 42.31
CA MET D 133 25.44 23.90 41.42
C MET D 133 24.02 23.94 42.03
N LEU D 134 23.85 23.70 43.32
CA LEU D 134 22.50 23.74 43.93
C LEU D 134 21.92 25.17 43.87
N HIS D 135 22.74 26.23 44.00
N HIS D 135 22.76 26.20 44.00
CA HIS D 135 22.26 27.64 43.79
CA HIS D 135 22.36 27.63 43.83
C HIS D 135 21.82 27.81 42.33
C HIS D 135 21.88 27.83 42.37
N ALA D 136 22.63 27.36 41.37
CA ALA D 136 22.28 27.47 39.93
C ALA D 136 20.96 26.74 39.67
N PHE D 137 20.72 25.62 40.36
CA PHE D 137 19.51 24.77 40.18
C PHE D 137 18.32 25.33 40.96
N ASP D 138 18.54 26.28 41.88
CA ASP D 138 17.47 26.83 42.76
C ASP D 138 16.86 25.61 43.50
N TYR D 139 17.70 24.71 43.98
CA TYR D 139 17.27 23.41 44.53
C TYR D 139 16.93 23.57 46.03
N GLY D 140 15.64 23.44 46.35
CA GLY D 140 15.15 23.49 47.75
C GLY D 140 15.67 24.74 48.43
N ASN D 141 16.22 24.62 49.64
CA ASN D 141 16.67 25.82 50.38
C ASN D 141 18.16 26.09 50.04
N GLU D 142 18.73 25.33 49.10
CA GLU D 142 20.13 25.46 48.60
C GLU D 142 21.18 25.34 49.74
N ASP D 143 20.86 24.67 50.84
CA ASP D 143 21.78 24.64 52.01
C ASP D 143 22.48 23.28 52.11
N ILE D 144 23.81 23.21 51.90
CA ILE D 144 24.56 21.91 51.97
C ILE D 144 25.27 21.80 53.32
N SER D 145 24.90 22.61 54.32
CA SER D 145 25.55 22.51 55.65
C SER D 145 25.45 21.05 56.13
N GLY D 146 26.54 20.53 56.70
CA GLY D 146 26.71 19.13 57.11
C GLY D 146 27.90 18.50 56.39
N ASN D 147 27.98 17.18 56.42
CA ASN D 147 29.08 16.42 55.77
C ASN D 147 28.85 16.47 54.27
N VAL D 148 29.90 16.78 53.50
CA VAL D 148 29.79 16.87 52.03
C VAL D 148 29.24 15.54 51.51
N ASP D 149 29.46 14.41 52.20
CA ASP D 149 29.02 13.09 51.71
C ASP D 149 27.75 12.61 52.43
N SER D 150 27.02 13.48 53.14
CA SER D 150 25.77 12.99 53.80
C SER D 150 24.72 14.09 54.00
N PHE D 151 24.97 15.31 53.56
CA PHE D 151 24.11 16.46 53.92
C PHE D 151 22.68 16.23 53.45
N TRP D 152 22.47 15.44 52.39
CA TRP D 152 21.11 15.19 51.83
C TRP D 152 20.38 14.12 52.67
N LEU D 153 21.08 13.52 53.63
CA LEU D 153 20.54 12.49 54.54
C LEU D 153 20.44 13.06 55.96
N ASP D 154 21.38 13.91 56.37
CA ASP D 154 21.41 14.35 57.80
C ASP D 154 21.98 15.75 57.98
N GLY D 155 22.04 16.55 56.92
CA GLY D 155 22.48 17.96 56.99
C GLY D 155 21.32 18.94 56.87
N GLY D 156 21.59 20.10 56.28
CA GLY D 156 20.73 21.28 56.29
C GLY D 156 19.80 21.37 55.09
N ILE D 157 20.03 20.58 54.02
CA ILE D 157 19.25 20.72 52.76
C ILE D 157 17.81 20.28 53.01
N ARG D 158 16.85 21.11 52.61
CA ARG D 158 15.40 20.83 52.73
C ARG D 158 14.72 21.20 51.41
N ILE D 159 13.79 20.35 50.99
CA ILE D 159 13.01 20.56 49.73
C ILE D 159 11.59 20.07 49.93
N SER D 160 10.61 20.85 49.47
CA SER D 160 9.19 20.46 49.52
C SER D 160 8.82 19.71 48.22
N ALA D 161 7.66 19.08 48.23
CA ALA D 161 7.08 18.42 47.05
C ALA D 161 6.90 19.46 45.92
N THR D 162 6.42 20.67 46.20
CA THR D 162 6.24 21.69 45.13
C THR D 162 7.61 22.12 44.59
N GLU D 163 8.64 22.19 45.43
CA GLU D 163 9.99 22.58 44.97
C GLU D 163 10.62 21.43 44.15
N GLN D 164 10.31 20.18 44.47
CA GLN D 164 10.77 19.00 43.67
C GLN D 164 10.19 19.16 42.26
N ILE D 165 8.92 19.51 42.17
CA ILE D 165 8.26 19.68 40.84
C ILE D 165 8.95 20.81 40.06
N SER D 166 9.21 21.95 40.69
N SER D 166 9.22 21.94 40.70
CA SER D 166 9.89 23.09 40.04
CA SER D 166 9.85 23.09 40.03
C SER D 166 11.20 22.63 39.43
C SER D 166 11.20 22.68 39.45
N PHE D 167 12.01 21.95 40.22
CA PHE D 167 13.33 21.41 39.77
C PHE D 167 13.16 20.42 38.62
N LEU D 168 12.24 19.47 38.77
CA LEU D 168 11.98 18.42 37.75
C LEU D 168 11.52 19.02 36.42
N ARG D 169 10.75 20.12 36.44
CA ARG D 169 10.27 20.77 35.19
C ARG D 169 11.49 21.32 34.46
N LYS D 170 12.45 21.86 35.17
CA LYS D 170 13.67 22.40 34.52
C LYS D 170 14.44 21.22 33.89
N LEU D 171 14.60 20.12 34.62
CA LEU D 171 15.27 18.91 34.10
C LEU D 171 14.51 18.42 32.85
N TYR D 172 13.18 18.29 32.93
CA TYR D 172 12.40 17.81 31.78
C TYR D 172 12.71 18.66 30.54
N HIS D 173 12.77 20.00 30.69
CA HIS D 173 12.95 20.94 29.56
C HIS D 173 14.42 21.24 29.26
N ASN D 174 15.38 20.49 29.81
CA ASN D 174 16.85 20.69 29.62
C ASN D 174 17.24 22.13 29.98
N LYS D 175 16.58 22.73 30.97
CA LYS D 175 16.81 24.15 31.31
C LYS D 175 17.74 24.32 32.52
N LEU D 176 18.27 23.24 33.10
CA LEU D 176 19.26 23.37 34.22
C LEU D 176 20.61 23.80 33.63
N HIS D 177 21.45 24.43 34.45
CA HIS D 177 22.77 24.99 34.06
C HIS D 177 23.81 23.87 34.09
N VAL D 178 23.56 22.83 33.31
CA VAL D 178 24.51 21.71 33.00
C VAL D 178 24.28 21.36 31.53
N SER D 179 25.12 20.50 30.96
CA SER D 179 25.04 20.12 29.53
C SER D 179 23.69 19.45 29.25
N GLU D 180 23.17 19.59 28.04
CA GLU D 180 22.04 18.77 27.55
C GLU D 180 22.36 17.27 27.82
N ARG D 181 23.57 16.84 27.50
CA ARG D 181 23.95 15.41 27.62
C ARG D 181 23.72 14.93 29.06
N SER D 182 24.21 15.67 30.04
N SER D 182 24.17 15.66 30.07
CA SER D 182 24.05 15.33 31.48
CA SER D 182 24.03 15.22 31.47
C SER D 182 22.56 15.13 31.75
C SER D 182 22.53 15.14 31.81
N GLN D 183 21.72 16.06 31.30
CA GLN D 183 20.25 16.01 31.54
C GLN D 183 19.66 14.78 30.85
N ARG D 184 20.04 14.51 29.61
CA ARG D 184 19.51 13.31 28.89
C ARG D 184 19.92 12.05 29.66
N ILE D 185 21.17 11.95 30.12
CA ILE D 185 21.62 10.68 30.77
C ILE D 185 20.85 10.47 32.08
N VAL D 186 20.66 11.54 32.84
CA VAL D 186 19.94 11.42 34.13
C VAL D 186 18.50 11.01 33.88
N LYS D 187 17.84 11.57 32.88
CA LYS D 187 16.44 11.22 32.56
C LYS D 187 16.36 9.76 32.11
N GLN D 188 17.35 9.27 31.39
CA GLN D 188 17.46 7.82 31.10
C GLN D 188 17.53 7.04 32.42
N ALA D 189 18.42 7.46 33.32
CA ALA D 189 18.65 6.72 34.58
C ALA D 189 17.41 6.77 35.48
N MET D 190 16.53 7.76 35.31
CA MET D 190 15.27 7.85 36.11
C MET D 190 14.20 6.90 35.58
N LEU D 191 14.41 6.27 34.43
CA LEU D 191 13.34 5.46 33.82
C LEU D 191 12.92 4.42 34.84
N THR D 192 11.61 4.31 35.10
CA THR D 192 11.08 3.44 36.15
C THR D 192 10.04 2.51 35.54
N GLU D 193 9.15 3.03 34.70
CA GLU D 193 8.04 2.20 34.16
C GLU D 193 7.70 2.73 32.76
N ALA D 194 7.35 1.83 31.84
CA ALA D 194 6.89 2.24 30.50
C ALA D 194 5.98 1.18 29.90
N ASN D 195 4.95 1.62 29.20
CA ASN D 195 4.03 0.75 28.45
C ASN D 195 3.45 1.62 27.34
N GLY D 196 2.51 1.09 26.56
CA GLY D 196 1.89 1.82 25.45
C GLY D 196 1.02 2.98 25.88
N ASP D 197 0.77 3.18 27.20
CA ASP D 197 -0.13 4.27 27.68
C ASP D 197 0.68 5.39 28.36
N TYR D 198 1.79 5.08 29.04
CA TYR D 198 2.52 6.09 29.83
C TYR D 198 3.96 5.64 30.09
N ILE D 199 4.81 6.63 30.33
CA ILE D 199 6.20 6.42 30.80
C ILE D 199 6.33 7.14 32.14
N ILE D 200 6.92 6.48 33.12
CA ILE D 200 7.27 7.15 34.40
C ILE D 200 8.79 7.20 34.54
N ARG D 201 9.30 8.41 34.71
CA ARG D 201 10.69 8.69 35.11
C ARG D 201 10.63 9.28 36.52
N ALA D 202 11.34 8.68 37.47
CA ALA D 202 11.18 9.03 38.89
C ALA D 202 12.33 8.53 39.71
N LYS D 203 12.32 8.95 40.97
CA LYS D 203 13.33 8.53 41.95
C LYS D 203 12.63 8.40 43.31
N THR D 204 12.88 7.29 43.97
CA THR D 204 12.40 7.03 45.35
C THR D 204 13.38 7.67 46.34
N GLY D 205 12.93 7.86 47.55
CA GLY D 205 13.80 8.26 48.68
C GLY D 205 13.20 7.78 49.97
N TYR D 206 14.04 7.55 50.97
CA TYR D 206 13.61 7.14 52.32
C TYR D 206 14.50 7.88 53.31
N SER D 207 13.97 8.95 53.90
CA SER D 207 14.69 9.75 54.92
C SER D 207 14.54 9.07 56.26
N THR D 208 15.61 8.48 56.81
CA THR D 208 15.55 7.71 58.09
C THR D 208 16.40 8.35 59.21
N ARG D 209 17.27 9.30 58.91
CA ARG D 209 18.32 9.72 59.87
C ARG D 209 17.77 10.79 60.81
N ILE D 210 16.75 11.51 60.36
CA ILE D 210 16.13 12.65 61.11
C ILE D 210 14.62 12.45 61.12
N GLU D 211 14.00 12.60 62.28
CA GLU D 211 12.54 12.39 62.43
C GLU D 211 11.82 13.59 61.81
N PRO D 212 10.58 13.41 61.29
CA PRO D 212 9.96 12.09 61.17
C PRO D 212 10.45 11.36 59.92
N LYS D 213 10.57 10.04 59.99
CA LYS D 213 11.04 9.23 58.85
C LYS D 213 9.99 9.38 57.75
N ILE D 214 10.41 9.72 56.53
CA ILE D 214 9.43 9.86 55.41
C ILE D 214 9.94 9.12 54.17
N GLY D 215 8.98 8.67 53.36
CA GLY D 215 9.21 8.14 52.01
C GLY D 215 8.87 9.19 50.98
N TRP D 216 9.69 9.25 49.93
CA TRP D 216 9.44 10.09 48.74
C TRP D 216 9.23 9.25 47.50
N TRP D 217 8.49 9.82 46.56
CA TRP D 217 8.59 9.39 45.13
C TRP D 217 8.36 10.63 44.29
N VAL D 218 9.36 11.04 43.48
CA VAL D 218 9.23 12.27 42.66
C VAL D 218 9.60 11.94 41.21
N GLY D 219 8.96 12.62 40.28
CA GLY D 219 9.22 12.41 38.86
C GLY D 219 8.11 12.93 37.99
N TRP D 220 7.84 12.23 36.90
CA TRP D 220 6.77 12.66 36.01
C TRP D 220 6.22 11.48 35.22
N VAL D 221 5.04 11.70 34.67
CA VAL D 221 4.34 10.77 33.76
C VAL D 221 4.31 11.42 32.39
N GLU D 222 4.99 10.80 31.41
CA GLU D 222 4.94 11.27 30.01
C GLU D 222 3.75 10.59 29.34
N LEU D 223 2.85 11.40 28.81
CA LEU D 223 1.72 10.95 27.96
C LEU D 223 2.00 11.36 26.51
N ASP D 224 1.15 10.94 25.57
CA ASP D 224 1.37 11.31 24.15
C ASP D 224 1.44 12.83 24.00
N ASP D 225 0.55 13.57 24.66
CA ASP D 225 0.29 15.01 24.38
C ASP D 225 0.40 15.87 25.64
N ASN D 226 0.92 15.34 26.75
CA ASN D 226 1.07 16.11 28.01
C ASN D 226 2.12 15.43 28.89
N VAL D 227 2.58 16.16 29.92
CA VAL D 227 3.45 15.63 30.99
C VAL D 227 2.79 16.01 32.31
N TRP D 228 2.62 15.06 33.20
CA TRP D 228 2.17 15.29 34.59
C TRP D 228 3.36 15.11 35.52
N PHE D 229 3.84 16.19 36.12
CA PHE D 229 4.89 16.12 37.16
C PHE D 229 4.25 15.68 38.47
N PHE D 230 4.99 14.93 39.27
CA PHE D 230 4.49 14.54 40.61
C PHE D 230 5.63 14.54 41.61
N ALA D 231 5.24 14.77 42.85
CA ALA D 231 6.10 14.60 44.03
C ALA D 231 5.17 14.18 45.16
N MET D 232 5.50 13.09 45.82
CA MET D 232 4.77 12.62 47.00
C MET D 232 5.77 12.37 48.13
N ASN D 233 5.32 12.60 49.35
CA ASN D 233 6.02 12.05 50.53
C ASN D 233 4.96 11.59 51.52
N MET D 234 5.39 10.70 52.41
CA MET D 234 4.47 10.07 53.38
C MET D 234 5.27 9.66 54.60
N ASP D 235 4.61 9.61 55.75
CA ASP D 235 5.26 9.11 56.98
C ASP D 235 5.58 7.62 56.76
N MET D 236 6.77 7.22 57.17
CA MET D 236 7.31 5.87 56.87
C MET D 236 8.07 5.39 58.10
N PRO D 237 7.35 5.00 59.18
CA PRO D 237 7.99 4.61 60.43
C PRO D 237 8.90 3.38 60.25
N THR D 238 8.58 2.47 59.33
CA THR D 238 9.39 1.27 59.02
C THR D 238 9.49 1.10 57.50
N SER D 239 10.45 0.29 57.03
CA SER D 239 10.66 0.01 55.59
C SER D 239 9.53 -0.89 55.05
N ASP D 240 8.71 -1.47 55.94
CA ASP D 240 7.56 -2.34 55.58
C ASP D 240 6.63 -1.63 54.59
N GLY D 241 6.44 -0.32 54.70
CA GLY D 241 5.47 0.40 53.86
C GLY D 241 6.09 1.06 52.64
N LEU D 242 7.32 0.75 52.28
CA LEU D 242 8.01 1.52 51.20
C LEU D 242 7.24 1.38 49.87
N GLY D 243 6.63 0.22 49.59
CA GLY D 243 5.85 0.02 48.36
C GLY D 243 4.61 0.90 48.29
N LEU D 244 4.14 1.44 49.42
CA LEU D 244 2.99 2.37 49.39
C LEU D 244 3.34 3.68 48.65
N ARG D 245 4.61 4.06 48.53
CA ARG D 245 5.02 5.31 47.83
C ARG D 245 4.48 5.28 46.39
N GLN D 246 4.80 4.22 45.67
CA GLN D 246 4.32 4.03 44.28
C GLN D 246 2.84 3.68 44.28
N ALA D 247 2.40 2.81 45.19
CA ALA D 247 1.02 2.29 45.11
C ALA D 247 0.03 3.47 45.26
N ILE D 248 0.25 4.32 46.26
CA ILE D 248 -0.69 5.44 46.56
C ILE D 248 -0.60 6.46 45.43
N THR D 249 0.60 6.72 44.93
CA THR D 249 0.75 7.65 43.78
C THR D 249 -0.07 7.13 42.61
N LYS D 250 0.01 5.83 42.32
CA LYS D 250 -0.74 5.26 41.17
C LYS D 250 -2.25 5.34 41.42
N GLU D 251 -2.72 5.16 42.67
CA GLU D 251 -4.17 5.32 43.00
C GLU D 251 -4.63 6.75 42.65
N VAL D 252 -3.81 7.75 42.96
CA VAL D 252 -4.14 9.16 42.64
C VAL D 252 -4.11 9.34 41.12
N LEU D 253 -3.04 8.90 40.46
CA LEU D 253 -2.96 9.04 38.97
C LEU D 253 -4.17 8.38 38.29
N LYS D 254 -4.61 7.21 38.77
CA LYS D 254 -5.80 6.47 38.24
C LYS D 254 -7.04 7.32 38.48
N GLN D 255 -7.21 7.84 39.69
CA GLN D 255 -8.41 8.62 40.07
C GLN D 255 -8.53 9.84 39.17
N GLU D 256 -7.41 10.50 38.87
CA GLU D 256 -7.37 11.72 38.03
C GLU D 256 -7.37 11.38 36.53
N LYS D 257 -7.47 10.10 36.17
CA LYS D 257 -7.59 9.62 34.76
C LYS D 257 -6.32 9.95 33.99
N ILE D 258 -5.19 10.08 34.67
CA ILE D 258 -3.89 10.36 34.02
C ILE D 258 -3.36 9.04 33.43
N ILE D 259 -3.52 7.95 34.17
CA ILE D 259 -3.19 6.57 33.70
C ILE D 259 -4.46 5.76 33.82
N PRO D 260 -4.64 4.73 32.99
CA PRO D 260 -5.85 3.92 33.01
C PRO D 260 -5.97 3.07 34.28
C62 8YF E . 1.29 -0.55 6.72
C61 8YF E . 2.74 -0.13 6.85
O62 8YF E . 2.87 1.27 6.62
C6 8YF E . 3.34 -0.44 8.22
C7 8YF E . 4.87 -0.26 8.12
O71 8YF E . 5.63 -1.04 8.78
O72 8YF E . 5.28 0.66 7.37
C5 8YF E . 2.63 0.36 9.33
C1 8YF E . 1.25 -0.09 9.84
N4 8YF E . 3.42 0.24 10.55
C3 8YF E . 2.88 -0.55 11.44
C31 8YF E . 3.66 -1.03 12.63
O31 8YF E . 4.83 -0.70 12.68
O32 8YF E . 3.06 -1.70 13.48
C2 8YF E . 1.61 -0.82 11.09
S21 8YF E . 0.54 -1.93 11.89
C22 8YF E . -1.07 -1.08 11.79
C23 8YF E . -2.16 -1.93 11.18
N24 8YF E . -1.90 -2.28 9.78
C25 8YF E . -2.11 -1.42 8.78
N26 8YF E . -1.50 -1.55 7.61
H1 8YF E . 1.05 -0.60 5.78
H2 8YF E . 0.71 0.10 7.17
H3 8YF E . 1.17 -1.42 7.13
H4 8YF E . 3.28 -0.60 6.16
H5 8YF E . 2.60 1.46 5.86
H6 8YF E . 3.17 -1.40 8.40
H8 8YF E . 2.57 1.31 9.05
H9 8YF E . 0.68 0.67 10.02
H10 8YF E . 0.81 -0.69 9.21
H11 8YF E . 4.18 0.65 10.65
H13 8YF E . -0.96 -0.27 11.27
H14 8YF E . -1.33 -0.83 12.69
H15 8YF E . -3.01 -1.44 11.23
H16 8YF E . -2.25 -2.76 11.70
H17 8YF E . -2.73 -0.73 8.92
H18 8YF E . -1.67 -0.91 7.06
H20 8YF E . -1.60 -3.08 9.60
BR BR F . 14.93 6.47 28.05
BR BR F . 15.80 7.33 27.59
BR BR G . 23.22 14.63 24.13
BR BR G . 24.17 13.61 24.13
BR BR H . 19.53 20.69 3.05
BR BR I . 29.12 -3.13 17.87
BR BR J . 4.31 -1.73 12.44
C62 8YF K . -5.25 -2.15 -4.85
C61 8YF K . -4.75 -1.38 -6.07
O62 8YF K . -3.43 -1.81 -6.41
C6 8YF K . -5.67 -1.52 -7.29
C7 8YF K . -5.64 -0.20 -8.09
O71 8YF K . -6.75 0.31 -8.35
O72 8YF K . -4.50 0.26 -8.40
C5 8YF K . -5.44 -2.75 -8.20
C1 8YF K . -5.77 -4.10 -7.57
N4 8YF K . -6.40 -2.71 -9.30
C3 8YF K . -7.39 -3.61 -9.16
C31 8YF K . -8.58 -3.78 -10.05
O31 8YF K . -8.69 -2.99 -11.00
O32 8YF K . -9.37 -4.68 -9.77
C2 8YF K . -7.17 -4.31 -8.04
S21 8YF K . -8.35 -5.28 -7.21
C22 8YF K . -7.31 -6.46 -6.27
C23 8YF K . -7.45 -6.29 -4.78
N24 8YF K . -6.25 -5.78 -4.14
C25 8YF K . -6.29 -5.04 -3.03
N26 8YF K . -5.22 -4.45 -2.51
H1 8YF K . -4.78 -1.84 -4.06
H2 8YF K . -5.09 -3.10 -4.97
H3 8YF K . -6.20 -1.99 -4.74
H4 8YF K . -4.70 -0.43 -5.84
H5 8YF K . -2.92 -1.72 -5.80
H6 8YF K . -6.59 -1.62 -6.93
H8 8YF K . -4.52 -2.74 -8.54
H9 8YF K . -5.18 -4.80 -7.89
H10 8YF K . -5.74 -4.07 -6.60
H11 8YF K . -6.32 -2.17 -9.98
H13 8YF K . -6.39 -6.34 -6.53
H14 8YF K . -7.57 -7.37 -6.53
H15 8YF K . -7.67 -7.16 -4.38
H16 8YF K . -8.19 -5.67 -4.60
H17 8YF K . -7.12 -4.95 -2.60
H18 8YF K . -5.38 -3.92 -1.87
H20 8YF K . -5.47 -5.95 -4.51
C1 1BO L . 10.89 8.11 -10.60
C2 1BO L . 12.22 7.99 -11.31
C3 1BO L . 12.24 8.45 -12.75
C4 1BO L . 11.04 9.29 -13.15
OH 1BO L . 11.07 9.83 -14.46
H11 1BO L . 10.98 7.76 -9.69
H12 1BO L . 10.22 7.60 -11.08
H13 1BO L . 10.61 9.05 -10.55
H21 1BO L . 12.52 7.06 -11.27
H22 1BO L . 12.89 8.53 -10.81
H31 1BO L . 12.27 7.66 -13.33
H32 1BO L . 13.05 8.97 -12.91
H41 1BO L . 10.96 10.05 -12.52
H42 1BO L . 10.23 8.76 -13.06
HO 1BO L . 11.76 9.53 -14.86
BR BR M . -11.83 -3.85 -30.17
BR BR M . -10.97 -2.85 -30.92
BR BR N . 1.82 16.56 -26.38
BR BR O . -8.78 -2.62 -9.80
BR BR P . -5.08 4.02 -36.44
BR BR P . -4.14 3.21 -36.47
BR BR Q . -23.99 -14.91 -42.34
C62 8YF R . 17.94 4.71 54.27
C61 8YF R . 18.49 5.63 53.19
O62 8YF R . 19.85 5.26 52.96
C6 8YF R . 17.69 5.59 51.88
C7 8YF R . 17.85 6.92 51.12
O71 8YF R . 16.81 7.45 50.63
O72 8YF R . 19.02 7.37 51.04
C5 8YF R . 18.00 4.40 50.94
C1 8YF R . 17.43 3.04 51.36
N4 8YF R . 17.34 4.60 49.65
C3 8YF R . 16.22 3.89 49.53
C31 8YF R . 15.15 4.15 48.51
O31 8YF R . 15.43 4.95 47.62
O32 8YF R . 14.09 3.55 48.65
C2 8YF R . 16.22 2.94 50.48
S21 8YF R . 14.96 1.77 50.72
C22 8YF R . 15.76 0.54 51.80
C23 8YF R . 14.98 0.40 53.09
N24 8YF R . 15.82 0.48 54.26
C25 8YF R . 16.30 1.64 54.72
N26 8YF R . 17.05 1.72 55.79
H1 8YF R . 18.30 4.97 55.14
H2 8YF R . 18.19 3.79 54.07
H3 8YF R . 16.96 4.78 54.29
H4 8YF R . 18.49 6.56 53.53
H5 8YF R . 20.30 5.43 53.75
H6 8YF R . 16.74 5.51 52.14
H8 8YF R . 18.98 4.34 50.82
H9 8YF R . 18.07 2.32 51.17
H10 8YF R . 17.18 3.02 52.30
H11 8YF R . 17.66 5.12 49.03
H13 8YF R . 16.68 0.82 52.00
H14 8YF R . 15.80 -0.31 51.34
H15 8YF R . 14.51 -0.47 53.08
H16 8YF R . 14.31 1.11 53.13
H17 8YF R . 16.09 2.42 54.23
H18 8YF R . 17.40 2.36 56.01
H20 8YF R . 16.00 -0.26 54.70
BR BR S . 14.62 4.92 48.42
#